data_6FHC
# 
_entry.id   6FHC 
# 
_audit_conform.dict_name       mmcif_pdbx.dic 
_audit_conform.dict_version    5.391 
_audit_conform.dict_location   http://mmcif.pdb.org/dictionaries/ascii/mmcif_pdbx.dic 
# 
loop_
_database_2.database_id 
_database_2.database_code 
_database_2.pdbx_database_accession 
_database_2.pdbx_DOI 
PDB   6FHC         pdb_00006fhc 10.2210/pdb6fhc/pdb 
WWPDB D_1200008322 ?            ?                   
# 
loop_
_pdbx_audit_revision_history.ordinal 
_pdbx_audit_revision_history.data_content_type 
_pdbx_audit_revision_history.major_revision 
_pdbx_audit_revision_history.minor_revision 
_pdbx_audit_revision_history.revision_date 
1 'Structure model' 1 0 2018-08-08 
2 'Structure model' 1 1 2018-09-12 
3 'Structure model' 1 2 2022-03-30 
4 'Structure model' 1 3 2024-05-01 
# 
_pdbx_audit_revision_details.ordinal             1 
_pdbx_audit_revision_details.revision_ordinal    1 
_pdbx_audit_revision_details.data_content_type   'Structure model' 
_pdbx_audit_revision_details.provider            repository 
_pdbx_audit_revision_details.type                'Initial release' 
_pdbx_audit_revision_details.description         ? 
_pdbx_audit_revision_details.details             ? 
# 
loop_
_pdbx_audit_revision_group.ordinal 
_pdbx_audit_revision_group.revision_ordinal 
_pdbx_audit_revision_group.data_content_type 
_pdbx_audit_revision_group.group 
1 2 'Structure model' 'Data collection'            
2 2 'Structure model' 'Database references'        
3 3 'Structure model' 'Author supporting evidence' 
4 3 'Structure model' 'Database references'        
5 4 'Structure model' 'Data collection'            
6 4 'Structure model' 'Refinement description'     
# 
loop_
_pdbx_audit_revision_category.ordinal 
_pdbx_audit_revision_category.revision_ordinal 
_pdbx_audit_revision_category.data_content_type 
_pdbx_audit_revision_category.category 
1 2 'Structure model' citation                      
2 2 'Structure model' citation_author               
3 3 'Structure model' database_2                    
4 3 'Structure model' pdbx_audit_support            
5 4 'Structure model' chem_comp_atom                
6 4 'Structure model' chem_comp_bond                
7 4 'Structure model' pdbx_initial_refinement_model 
# 
loop_
_pdbx_audit_revision_item.ordinal 
_pdbx_audit_revision_item.revision_ordinal 
_pdbx_audit_revision_item.data_content_type 
_pdbx_audit_revision_item.item 
1  2 'Structure model' '_citation.journal_volume'                 
2  2 'Structure model' '_citation.page_first'                     
3  2 'Structure model' '_citation.page_last'                      
4  2 'Structure model' '_citation.pdbx_database_id_DOI'           
5  2 'Structure model' '_citation.pdbx_database_id_PubMed'        
6  2 'Structure model' '_citation.title'                          
7  2 'Structure model' '_citation_author.identifier_ORCID'        
8  3 'Structure model' '_database_2.pdbx_DOI'                     
9  3 'Structure model' '_database_2.pdbx_database_accession'      
10 3 'Structure model' '_pdbx_audit_support.funding_organization' 
# 
_pdbx_database_status.status_code                     REL 
_pdbx_database_status.status_code_sf                  REL 
_pdbx_database_status.status_code_mr                  ? 
_pdbx_database_status.entry_id                        6FHC 
_pdbx_database_status.recvd_initial_deposition_date   2018-01-14 
_pdbx_database_status.SG_entry                        N 
_pdbx_database_status.deposit_site                    PDBE 
_pdbx_database_status.process_site                    PDBE 
_pdbx_database_status.status_code_cs                  ? 
_pdbx_database_status.methods_development_category    ? 
_pdbx_database_status.pdb_format_compatible           Y 
_pdbx_database_status.status_code_nmr_data            ? 
# 
loop_
_pdbx_database_related.db_name 
_pdbx_database_related.details 
_pdbx_database_related.db_id 
_pdbx_database_related.content_type 
PDB . 6GF4 unspecified 
PDB . 6GFR unspecified 
# 
loop_
_audit_author.name 
_audit_author.pdbx_ordinal 
_audit_author.identifier_ORCID 
'Landau, M.'       1 0000-0002-1743-3430 
'Colletier, J.-P.' 2 ?                   
# 
_citation.abstract                  ? 
_citation.abstract_id_CAS           ? 
_citation.book_id_ISBN              ? 
_citation.book_publisher            ? 
_citation.book_publisher_city       ? 
_citation.book_title                ? 
_citation.coordinate_linkage        ? 
_citation.country                   UK 
_citation.database_id_Medline       ? 
_citation.details                   ? 
_citation.id                        primary 
_citation.journal_abbrev            'Nat Commun' 
_citation.journal_id_ASTM           ? 
_citation.journal_id_CSD            ? 
_citation.journal_id_ISSN           2041-1723 
_citation.journal_full              ? 
_citation.journal_issue             ? 
_citation.journal_volume            9 
_citation.language                  ? 
_citation.page_first                3512 
_citation.page_last                 3512 
_citation.title                     'Extreme amyloid polymorphism in Staphylococcus aureus virulent PSM alpha peptides.' 
_citation.year                      2018 
_citation.database_id_CSD           ? 
_citation.pdbx_database_id_DOI      10.1038/s41467-018-05490-0 
_citation.pdbx_database_id_PubMed   30158633 
_citation.unpublished_flag          ? 
# 
loop_
_citation_author.citation_id 
_citation_author.name 
_citation_author.ordinal 
_citation_author.identifier_ORCID 
primary 'Salinas, N.'     1 0000-0002-3511-2243 
primary 'Colletier, J.P.' 2 ?                   
primary 'Moshe, A.'       3 ?                   
primary 'Landau, M.'      4 0000-0002-1743-3430 
# 
loop_
_entity.id 
_entity.type 
_entity.src_method 
_entity.pdbx_description 
_entity.formula_weight 
_entity.pdbx_number_of_molecules 
_entity.pdbx_ec 
_entity.pdbx_mutation 
_entity.pdbx_fragment 
_entity.details 
1 polymer     syn 'Psm alpha-3'          831.054 1 ? ? 'LFKFFK from PSMalpha3 (residues 7-12) secreted by S. aureus' ? 
2 non-polymer syn 'CARBONATE ION'        60.009  1 ? ? ?                                                             ? 
3 non-polymer syn 'THIOCYANATE ION'      58.082  1 ? ? ?                                                             ? 
4 non-polymer syn 'TETRAETHYLENE GLYCOL' 194.226 1 ? ? ?                                                             ? 
5 non-polymer syn 'CHLORIDE ION'         35.453  1 ? ? ?                                                             ? 
6 water       nat water                  18.015  5 ? ? ?                                                             ? 
# 
_entity_poly.entity_id                      1 
_entity_poly.type                           'polypeptide(L)' 
_entity_poly.nstd_linkage                   no 
_entity_poly.nstd_monomer                   no 
_entity_poly.pdbx_seq_one_letter_code       LFKFFK 
_entity_poly.pdbx_seq_one_letter_code_can   LFKFFK 
_entity_poly.pdbx_strand_id                 A 
_entity_poly.pdbx_target_identifier         ? 
# 
loop_
_pdbx_entity_nonpoly.entity_id 
_pdbx_entity_nonpoly.name 
_pdbx_entity_nonpoly.comp_id 
2 'CARBONATE ION'        CO3 
3 'THIOCYANATE ION'      SCN 
4 'TETRAETHYLENE GLYCOL' PG4 
5 'CHLORIDE ION'         CL  
6 water                  HOH 
# 
loop_
_entity_poly_seq.entity_id 
_entity_poly_seq.num 
_entity_poly_seq.mon_id 
_entity_poly_seq.hetero 
1 1 LEU n 
1 2 PHE n 
1 3 LYS n 
1 4 PHE n 
1 5 PHE n 
1 6 LYS n 
# 
_pdbx_entity_src_syn.entity_id              1 
_pdbx_entity_src_syn.pdbx_src_id            1 
_pdbx_entity_src_syn.pdbx_alt_source_flag   sample 
_pdbx_entity_src_syn.pdbx_beg_seq_num       1 
_pdbx_entity_src_syn.pdbx_end_seq_num       6 
_pdbx_entity_src_syn.organism_scientific    'Staphylococcus aureus' 
_pdbx_entity_src_syn.organism_common_name   ? 
_pdbx_entity_src_syn.ncbi_taxonomy_id       1280 
_pdbx_entity_src_syn.details                'LFKFFK from PSMalpha3, synthesized' 
# 
loop_
_chem_comp.id 
_chem_comp.type 
_chem_comp.mon_nstd_flag 
_chem_comp.name 
_chem_comp.pdbx_synonyms 
_chem_comp.formula 
_chem_comp.formula_weight 
CL  non-polymer         . 'CHLORIDE ION'         ? 'Cl -1'          35.453  
CO3 non-polymer         . 'CARBONATE ION'        ? 'C O3 -2'        60.009  
HOH non-polymer         . WATER                  ? 'H2 O'           18.015  
LEU 'L-peptide linking' y LEUCINE                ? 'C6 H13 N O2'    131.173 
LYS 'L-peptide linking' y LYSINE                 ? 'C6 H15 N2 O2 1' 147.195 
PG4 non-polymer         . 'TETRAETHYLENE GLYCOL' ? 'C8 H18 O5'      194.226 
PHE 'L-peptide linking' y PHENYLALANINE          ? 'C9 H11 N O2'    165.189 
SCN non-polymer         . 'THIOCYANATE ION'      ? 'C N S -1'       58.082  
# 
loop_
_pdbx_poly_seq_scheme.asym_id 
_pdbx_poly_seq_scheme.entity_id 
_pdbx_poly_seq_scheme.seq_id 
_pdbx_poly_seq_scheme.mon_id 
_pdbx_poly_seq_scheme.ndb_seq_num 
_pdbx_poly_seq_scheme.pdb_seq_num 
_pdbx_poly_seq_scheme.auth_seq_num 
_pdbx_poly_seq_scheme.pdb_mon_id 
_pdbx_poly_seq_scheme.auth_mon_id 
_pdbx_poly_seq_scheme.pdb_strand_id 
_pdbx_poly_seq_scheme.pdb_ins_code 
_pdbx_poly_seq_scheme.hetero 
A 1 1 LEU 1 1 1 LEU LEU A . n 
A 1 2 PHE 2 2 2 PHE PHE A . n 
A 1 3 LYS 3 3 3 LYS LYS A . n 
A 1 4 PHE 4 4 4 PHE PHE A . n 
A 1 5 PHE 5 5 5 PHE PHE A . n 
A 1 6 LYS 6 6 6 LYS LYS A . n 
# 
loop_
_pdbx_nonpoly_scheme.asym_id 
_pdbx_nonpoly_scheme.entity_id 
_pdbx_nonpoly_scheme.mon_id 
_pdbx_nonpoly_scheme.ndb_seq_num 
_pdbx_nonpoly_scheme.pdb_seq_num 
_pdbx_nonpoly_scheme.auth_seq_num 
_pdbx_nonpoly_scheme.pdb_mon_id 
_pdbx_nonpoly_scheme.auth_mon_id 
_pdbx_nonpoly_scheme.pdb_strand_id 
_pdbx_nonpoly_scheme.pdb_ins_code 
B 2 CO3 1 101 1    CO3 CO3 A . 
C 3 SCN 1 102 1    SCN SCN A . 
D 4 PG4 1 103 6062 PG4 PE5 A . 
E 5 CL  1 104 1    CL  CL  A . 
F 6 HOH 1 201 16   HOH HOH A . 
F 6 HOH 2 202 8    HOH HOH A . 
F 6 HOH 3 203 15   HOH HOH A . 
F 6 HOH 4 204 17   HOH HOH A . 
F 6 HOH 5 205 9    HOH HOH A . 
# 
loop_
_software.citation_id 
_software.classification 
_software.compiler_name 
_software.compiler_version 
_software.contact_author 
_software.contact_author_email 
_software.date 
_software.description 
_software.dependencies 
_software.hardware 
_software.language 
_software.location 
_software.mods 
_software.name 
_software.os 
_software.os_version 
_software.type 
_software.version 
_software.pdbx_ordinal 
? 'data reduction'  ? ? 'Wolfgang Kabsch'    Wolfgang.Kabsch@mpimf-heidelberg.mpg.de ?              ? ? ? ?          
http://www.mpimf-heidelberg.mpg.de/~kabsch/xds/ ? XDS         ? ? package .    1 
? 'data scaling'    ? ? 'Zbyszek Otwinowski' hkl@hkl-xray.com                        ?              ? ? ? ?          
http://www.hkl-xray.com/                        ? SCALEPACK   ? ? program .    2 
? phasing           ? ? 'Randy J. Read'      cimr-phaser@lists.cam.ac.uk             ?              ? ? ? ?          
http://www-structmed.cimr.cam.ac.uk/phaser/     ? PHASER      ? ? program .    3 
? refinement        ? ? 'Garib N. Murshudov' garib@ysbl.york.ac.uk                   ?              ? ? ? Fortran_77 
http://www.ccp4.ac.uk/dist/html/refmac5.html    ? REFMAC      ? ? program .    4 
? 'data extraction' ? ? PDB                  deposit@deposit.rcsb.org                'Sep. 1, 2017' ? ? ? C++        
http://sw-tools.pdb.org/apps/PDB_EXTRACT/       ? PDB_EXTRACT ? ? package 3.24 5 
# 
_cell.angle_alpha                  90.000 
_cell.angle_alpha_esd              ? 
_cell.angle_beta                   90.000 
_cell.angle_beta_esd               ? 
_cell.angle_gamma                  120.000 
_cell.angle_gamma_esd              ? 
_cell.entry_id                     6FHC 
_cell.details                      ? 
_cell.formula_units_Z              ? 
_cell.length_a                     35.791 
_cell.length_a_esd                 ? 
_cell.length_b                     35.791 
_cell.length_b_esd                 ? 
_cell.length_c                     9.632 
_cell.length_c_esd                 ? 
_cell.volume                       ? 
_cell.volume_esd                   ? 
_cell.Z_PDB                        6 
_cell.reciprocal_angle_alpha       ? 
_cell.reciprocal_angle_beta        ? 
_cell.reciprocal_angle_gamma       ? 
_cell.reciprocal_angle_alpha_esd   ? 
_cell.reciprocal_angle_beta_esd    ? 
_cell.reciprocal_angle_gamma_esd   ? 
_cell.reciprocal_length_a          ? 
_cell.reciprocal_length_b          ? 
_cell.reciprocal_length_c          ? 
_cell.reciprocal_length_a_esd      ? 
_cell.reciprocal_length_b_esd      ? 
_cell.reciprocal_length_c_esd      ? 
_cell.pdbx_unique_axis             ? 
# 
_symmetry.entry_id                         6FHC 
_symmetry.cell_setting                     ? 
_symmetry.Int_Tables_number                170 
_symmetry.space_group_name_Hall            ? 
_symmetry.space_group_name_H-M             'P 65' 
_symmetry.pdbx_full_space_group_name_H-M   ? 
# 
_exptl.absorpt_coefficient_mu     ? 
_exptl.absorpt_correction_T_max   ? 
_exptl.absorpt_correction_T_min   ? 
_exptl.absorpt_correction_type    ? 
_exptl.absorpt_process_details    ? 
_exptl.entry_id                   6FHC 
_exptl.crystals_number            1 
_exptl.details                    ? 
_exptl.method                     'X-RAY DIFFRACTION' 
_exptl.method_details             ? 
# 
_exptl_crystal.colour                      ? 
_exptl_crystal.density_diffrn              ? 
_exptl_crystal.density_Matthews            2.14 
_exptl_crystal.density_method              ? 
_exptl_crystal.density_percent_sol         42.60 
_exptl_crystal.description                 Needle-like 
_exptl_crystal.F_000                       ? 
_exptl_crystal.id                          1 
_exptl_crystal.preparation                 ? 
_exptl_crystal.size_max                    ? 
_exptl_crystal.size_mid                    ? 
_exptl_crystal.size_min                    ? 
_exptl_crystal.size_rad                    ? 
_exptl_crystal.colour_lustre               ? 
_exptl_crystal.colour_modifier             ? 
_exptl_crystal.colour_primary              ? 
_exptl_crystal.density_meas                ? 
_exptl_crystal.density_meas_esd            ? 
_exptl_crystal.density_meas_gt             ? 
_exptl_crystal.density_meas_lt             ? 
_exptl_crystal.density_meas_temp           ? 
_exptl_crystal.density_meas_temp_esd       ? 
_exptl_crystal.density_meas_temp_gt        ? 
_exptl_crystal.density_meas_temp_lt        ? 
_exptl_crystal.pdbx_crystal_image_url      ? 
_exptl_crystal.pdbx_crystal_image_format   ? 
_exptl_crystal.pdbx_mosaicity              ? 
_exptl_crystal.pdbx_mosaicity_esd          ? 
# 
_exptl_crystal_grow.apparatus       ? 
_exptl_crystal_grow.atmosphere      ? 
_exptl_crystal_grow.crystal_id      1 
_exptl_crystal_grow.details         ? 
_exptl_crystal_grow.method          'VAPOR DIFFUSION, HANGING DROP' 
_exptl_crystal_grow.method_ref      ? 
_exptl_crystal_grow.pH              ? 
_exptl_crystal_grow.pressure        ? 
_exptl_crystal_grow.pressure_esd    ? 
_exptl_crystal_grow.seeding         ? 
_exptl_crystal_grow.seeding_ref     ? 
_exptl_crystal_grow.temp            293 
_exptl_crystal_grow.temp_details    ? 
_exptl_crystal_grow.temp_esd        ? 
_exptl_crystal_grow.time            ? 
_exptl_crystal_grow.pdbx_details    'Reservoir contained 0.2M potassium thiocyanate, 20% Polyethylene glycol 3350' 
_exptl_crystal_grow.pdbx_pH_range   ? 
# 
_diffrn.ambient_environment    ? 
_diffrn.ambient_temp           100 
_diffrn.ambient_temp_details   ? 
_diffrn.ambient_temp_esd       ? 
_diffrn.crystal_id             1 
_diffrn.crystal_support        ? 
_diffrn.crystal_treatment      ? 
_diffrn.details                ? 
_diffrn.id                     1 
_diffrn.ambient_pressure       ? 
_diffrn.ambient_pressure_esd   ? 
_diffrn.ambient_pressure_gt    ? 
_diffrn.ambient_pressure_lt    ? 
_diffrn.ambient_temp_gt        ? 
_diffrn.ambient_temp_lt        ? 
# 
_diffrn_detector.details                      ? 
_diffrn_detector.detector                     PIXEL 
_diffrn_detector.diffrn_id                    1 
_diffrn_detector.type                         'DECTRIS PILATUS 2M' 
_diffrn_detector.area_resol_mean              ? 
_diffrn_detector.dtime                        ? 
_diffrn_detector.pdbx_frames_total            ? 
_diffrn_detector.pdbx_collection_time_total   ? 
_diffrn_detector.pdbx_collection_date         2014-07-24 
# 
_diffrn_radiation.collimation                      ? 
_diffrn_radiation.diffrn_id                        1 
_diffrn_radiation.filter_edge                      ? 
_diffrn_radiation.inhomogeneity                    ? 
_diffrn_radiation.monochromator                    ? 
_diffrn_radiation.polarisn_norm                    ? 
_diffrn_radiation.polarisn_ratio                   ? 
_diffrn_radiation.probe                            ? 
_diffrn_radiation.type                             ? 
_diffrn_radiation.xray_symbol                      ? 
_diffrn_radiation.wavelength_id                    1 
_diffrn_radiation.pdbx_monochromatic_or_laue_m_l   M 
_diffrn_radiation.pdbx_wavelength_list             ? 
_diffrn_radiation.pdbx_wavelength                  ? 
_diffrn_radiation.pdbx_diffrn_protocol             'SINGLE WAVELENGTH' 
_diffrn_radiation.pdbx_analyzer                    ? 
_diffrn_radiation.pdbx_scattering_type             x-ray 
# 
_diffrn_radiation_wavelength.id           1 
_diffrn_radiation_wavelength.wavelength   0.8729 
_diffrn_radiation_wavelength.wt           1.0 
# 
_diffrn_source.current                     ? 
_diffrn_source.details                     ? 
_diffrn_source.diffrn_id                   1 
_diffrn_source.power                       ? 
_diffrn_source.size                        ? 
_diffrn_source.source                      SYNCHROTRON 
_diffrn_source.target                      ? 
_diffrn_source.type                        'ESRF BEAMLINE ID23-2' 
_diffrn_source.voltage                     ? 
_diffrn_source.take-off_angle              ? 
_diffrn_source.pdbx_wavelength_list        0.8729 
_diffrn_source.pdbx_wavelength             ? 
_diffrn_source.pdbx_synchrotron_beamline   ID23-2 
_diffrn_source.pdbx_synchrotron_site       ESRF 
# 
_reflns.B_iso_Wilson_estimate            ? 
_reflns.entry_id                         6FHC 
_reflns.data_reduction_details           ? 
_reflns.data_reduction_method            ? 
_reflns.d_resolution_high                1.500 
_reflns.d_resolution_low                 100.000 
_reflns.details                          ? 
_reflns.limit_h_max                      ? 
_reflns.limit_h_min                      ? 
_reflns.limit_k_max                      ? 
_reflns.limit_k_min                      ? 
_reflns.limit_l_max                      ? 
_reflns.limit_l_min                      ? 
_reflns.number_all                       ? 
_reflns.number_obs                       1179 
_reflns.observed_criterion               ? 
_reflns.observed_criterion_F_max         ? 
_reflns.observed_criterion_F_min         ? 
_reflns.observed_criterion_I_max         ? 
_reflns.observed_criterion_I_min         ? 
_reflns.observed_criterion_sigma_F       ? 
_reflns.observed_criterion_sigma_I       ? 
_reflns.percent_possible_obs             97.400 
_reflns.R_free_details                   ? 
_reflns.Rmerge_F_all                     ? 
_reflns.Rmerge_F_obs                     ? 
_reflns.Friedel_coverage                 ? 
_reflns.number_gt                        ? 
_reflns.threshold_expression             ? 
_reflns.pdbx_redundancy                  13.800 
_reflns.pdbx_Rmerge_I_obs                0.126 
_reflns.pdbx_Rmerge_I_all                ? 
_reflns.pdbx_Rsym_value                  ? 
_reflns.pdbx_netI_over_av_sigmaI         ? 
_reflns.pdbx_netI_over_sigmaI            5.400 
_reflns.pdbx_res_netI_over_av_sigmaI_2   ? 
_reflns.pdbx_res_netI_over_sigmaI_2      ? 
_reflns.pdbx_chi_squared                 1.168 
_reflns.pdbx_scaling_rejects             ? 
_reflns.pdbx_d_res_high_opt              ? 
_reflns.pdbx_d_res_low_opt               ? 
_reflns.pdbx_d_res_opt_method            ? 
_reflns.phase_calculation_details        ? 
_reflns.pdbx_Rrim_I_all                  0.131 
_reflns.pdbx_Rpim_I_all                  0.034 
_reflns.pdbx_d_opt                       ? 
_reflns.pdbx_number_measured_all         ? 
_reflns.pdbx_diffrn_id                   1 
_reflns.pdbx_ordinal                     1 
_reflns.pdbx_CC_half                     ? 
_reflns.pdbx_R_split                     ? 
# 
loop_
_reflns_shell.d_res_high 
_reflns_shell.d_res_low 
_reflns_shell.meanI_over_sigI_all 
_reflns_shell.meanI_over_sigI_obs 
_reflns_shell.number_measured_all 
_reflns_shell.number_measured_obs 
_reflns_shell.number_possible 
_reflns_shell.number_unique_all 
_reflns_shell.number_unique_obs 
_reflns_shell.percent_possible_all 
_reflns_shell.percent_possible_obs 
_reflns_shell.Rmerge_F_all 
_reflns_shell.Rmerge_F_obs 
_reflns_shell.Rmerge_I_all 
_reflns_shell.Rmerge_I_obs 
_reflns_shell.meanI_over_sigI_gt 
_reflns_shell.meanI_over_uI_all 
_reflns_shell.meanI_over_uI_gt 
_reflns_shell.number_measured_gt 
_reflns_shell.number_unique_gt 
_reflns_shell.percent_possible_gt 
_reflns_shell.Rmerge_F_gt 
_reflns_shell.Rmerge_I_gt 
_reflns_shell.pdbx_redundancy 
_reflns_shell.pdbx_Rsym_value 
_reflns_shell.pdbx_chi_squared 
_reflns_shell.pdbx_netI_over_sigmaI_all 
_reflns_shell.pdbx_netI_over_sigmaI_obs 
_reflns_shell.pdbx_Rrim_I_all 
_reflns_shell.pdbx_Rpim_I_all 
_reflns_shell.pdbx_rejects 
_reflns_shell.pdbx_ordinal 
_reflns_shell.pdbx_diffrn_id 
_reflns_shell.pdbx_CC_half 
_reflns_shell.pdbx_R_split 
1.500 1.550   ? ? ? ? ? ? 118 98.300 ? ? ? ? 0.787 ? ? ? ? ? ? ? ? 9.600  ? 1.034 ? ? 0.831 0.258 ? 1  1 0.871 ? 
1.550 1.620   ? ? ? ? ? ? 106 90.600 ? ? ? ? 0.749 ? ? ? ? ? ? ? ? 10.400 ? 1.117 ? ? 0.790 0.242 ? 2  1 0.910 ? 
1.620 1.690   ? ? ? ? ? ? 116 99.100 ? ? ? ? 0.645 ? ? ? ? ? ? ? ? 11.500 ? 1.094 ? ? 0.676 0.197 ? 3  1 0.880 ? 
1.690 1.780   ? ? ? ? ? ? 111 98.200 ? ? ? ? 0.470 ? ? ? ? ? ? ? ? 11.600 ? 1.102 ? ? 0.492 0.141 ? 4  1 0.921 ? 
1.780 1.890   ? ? ? ? ? ? 121 99.200 ? ? ? ? 0.283 ? ? ? ? ? ? ? ? 14.800 ? 1.210 ? ? 0.293 0.073 ? 5  1 0.980 ? 
1.890 2.040   ? ? ? ? ? ? 108 94.700 ? ? ? ? 0.215 ? ? ? ? ? ? ? ? 15.500 ? 1.152 ? ? 0.223 0.057 ? 6  1 0.990 ? 
2.040 2.240   ? ? ? ? ? ? 123 98.400 ? ? ? ? 0.158 ? ? ? ? ? ? ? ? 15.700 ? 1.153 ? ? 0.163 0.040 ? 7  1 0.997 ? 
2.240 2.560   ? ? ? ? ? ? 116 97.500 ? ? ? ? 0.139 ? ? ? ? ? ? ? ? 15.900 ? 1.156 ? ? 0.144 0.036 ? 8  1 0.997 ? 
2.560 3.230   ? ? ? ? ? ? 128 99.200 ? ? ? ? 0.098 ? ? ? ? ? ? ? ? 17.200 ? 1.054 ? ? 0.101 0.025 ? 9  1 0.998 ? 
3.230 100.000 ? ? ? ? ? ? 132 98.500 ? ? ? ? 0.063 ? ? ? ? ? ? ? ? 15.100 ? 1.487 ? ? 0.066 0.017 ? 10 1 0.999 ? 
# 
_refine.aniso_B[1][1]                            0.0800 
_refine.aniso_B[1][2]                            0.0400 
_refine.aniso_B[1][3]                            0.0000 
_refine.aniso_B[2][2]                            0.0800 
_refine.aniso_B[2][3]                            -0.0000 
_refine.aniso_B[3][3]                            -0.2500 
_refine.B_iso_max                                67.740 
_refine.B_iso_mean                               13.4330 
_refine.B_iso_min                                6.680 
_refine.correlation_coeff_Fo_to_Fc               0.9890 
_refine.correlation_coeff_Fo_to_Fc_free          0.9720 
_refine.details                                  
'HYDROGENS HAVE BEEN ADDED IN THE RIDING POSITIONS U VALUES      : REFINED INDIVIDUALLY' 
_refine.diff_density_max                         ? 
_refine.diff_density_max_esd                     ? 
_refine.diff_density_min                         ? 
_refine.diff_density_min_esd                     ? 
_refine.diff_density_rms                         ? 
_refine.diff_density_rms_esd                     ? 
_refine.entry_id                                 6FHC 
_refine.pdbx_refine_id                           'X-RAY DIFFRACTION' 
_refine.ls_abs_structure_details                 ? 
_refine.ls_abs_structure_Flack                   ? 
_refine.ls_abs_structure_Flack_esd               ? 
_refine.ls_abs_structure_Rogers                  ? 
_refine.ls_abs_structure_Rogers_esd              ? 
_refine.ls_d_res_high                            1.5100 
_refine.ls_d_res_low                             31.0000 
_refine.ls_extinction_coef                       ? 
_refine.ls_extinction_coef_esd                   ? 
_refine.ls_extinction_expression                 ? 
_refine.ls_extinction_method                     ? 
_refine.ls_goodness_of_fit_all                   ? 
_refine.ls_goodness_of_fit_all_esd               ? 
_refine.ls_goodness_of_fit_obs                   ? 
_refine.ls_goodness_of_fit_obs_esd               ? 
_refine.ls_hydrogen_treatment                    ? 
_refine.ls_matrix_type                           ? 
_refine.ls_number_constraints                    ? 
_refine.ls_number_parameters                     ? 
_refine.ls_number_reflns_all                     ? 
_refine.ls_number_reflns_obs                     1057 
_refine.ls_number_reflns_R_free                  121 
_refine.ls_number_reflns_R_work                  ? 
_refine.ls_number_restraints                     ? 
_refine.ls_percent_reflns_obs                    97.7600 
_refine.ls_percent_reflns_R_free                 10.3000 
_refine.ls_R_factor_all                          ? 
_refine.ls_R_factor_obs                          0.1224 
_refine.ls_R_factor_R_free                       0.1623 
_refine.ls_R_factor_R_free_error                 ? 
_refine.ls_R_factor_R_free_error_details         ? 
_refine.ls_R_factor_R_work                       0.1176 
_refine.ls_R_Fsqd_factor_obs                     ? 
_refine.ls_R_I_factor_obs                        ? 
_refine.ls_redundancy_reflns_all                 ? 
_refine.ls_redundancy_reflns_obs                 ? 
_refine.ls_restrained_S_all                      ? 
_refine.ls_restrained_S_obs                      ? 
_refine.ls_shift_over_esd_max                    ? 
_refine.ls_shift_over_esd_mean                   ? 
_refine.ls_structure_factor_coef                 ? 
_refine.ls_weighting_details                     ? 
_refine.ls_weighting_scheme                      ? 
_refine.ls_wR_factor_all                         ? 
_refine.ls_wR_factor_obs                         ? 
_refine.ls_wR_factor_R_free                      ? 
_refine.ls_wR_factor_R_work                      ? 
_refine.occupancy_max                            ? 
_refine.occupancy_min                            ? 
_refine.solvent_model_details                    ? 
_refine.solvent_model_param_bsol                 ? 
_refine.solvent_model_param_ksol                 ? 
_refine.ls_R_factor_gt                           ? 
_refine.ls_goodness_of_fit_gt                    ? 
_refine.ls_goodness_of_fit_ref                   ? 
_refine.ls_shift_over_su_max                     ? 
_refine.ls_shift_over_su_max_lt                  ? 
_refine.ls_shift_over_su_mean                    ? 
_refine.ls_shift_over_su_mean_lt                 ? 
_refine.pdbx_ls_sigma_I                          ? 
_refine.pdbx_ls_sigma_F                          0.000 
_refine.pdbx_ls_sigma_Fsqd                       ? 
_refine.pdbx_data_cutoff_high_absF               ? 
_refine.pdbx_data_cutoff_high_rms_absF           ? 
_refine.pdbx_data_cutoff_low_absF                ? 
_refine.pdbx_isotropic_thermal_model             ? 
_refine.pdbx_ls_cross_valid_method               THROUGHOUT 
_refine.pdbx_method_to_determine_struct          'MOLECULAR REPLACEMENT' 
_refine.pdbx_starting_model                      'Ideal Beta-strand of poly-alanine' 
_refine.pdbx_stereochemistry_target_values       ? 
_refine.pdbx_R_Free_selection_details            RANDOM 
_refine.pdbx_stereochem_target_val_spec_case     ? 
_refine.pdbx_overall_ESU_R                       0.1030 
_refine.pdbx_overall_ESU_R_Free                  0.0730 
_refine.pdbx_solvent_vdw_probe_radii             1.2000 
_refine.pdbx_solvent_ion_probe_radii             0.8000 
_refine.pdbx_solvent_shrinkage_radii             0.8000 
_refine.pdbx_real_space_R                        ? 
_refine.pdbx_density_correlation                 ? 
_refine.pdbx_pd_number_of_powder_patterns        ? 
_refine.pdbx_pd_number_of_points                 ? 
_refine.pdbx_pd_meas_number_of_points            ? 
_refine.pdbx_pd_proc_ls_prof_R_factor            ? 
_refine.pdbx_pd_proc_ls_prof_wR_factor           ? 
_refine.pdbx_pd_Marquardt_correlation_coeff      ? 
_refine.pdbx_pd_Fsqrd_R_factor                   ? 
_refine.pdbx_pd_ls_matrix_band_width             ? 
_refine.pdbx_overall_phase_error                 ? 
_refine.pdbx_overall_SU_R_free_Cruickshank_DPI   ? 
_refine.pdbx_overall_SU_R_free_Blow_DPI          ? 
_refine.pdbx_overall_SU_R_Blow_DPI               ? 
_refine.pdbx_TLS_residual_ADP_flag               ? 
_refine.pdbx_diffrn_id                           1 
_refine.overall_SU_B                             3.6360 
_refine.overall_SU_ML                            0.0510 
_refine.overall_SU_R_Cruickshank_DPI             0.1142 
_refine.overall_SU_R_free                        ? 
_refine.overall_FOM_free_R_set                   ? 
_refine.overall_FOM_work_R_set                   ? 
_refine.pdbx_average_fsc_overall                 ? 
_refine.pdbx_average_fsc_work                    ? 
_refine.pdbx_average_fsc_free                    ? 
# 
_refine_hist.cycle_id                         final 
_refine_hist.pdbx_refine_id                   'X-RAY DIFFRACTION' 
_refine_hist.d_res_high                       1.5100 
_refine_hist.d_res_low                        31.0000 
_refine_hist.pdbx_number_atoms_ligand         21 
_refine_hist.number_atoms_solvent             5 
_refine_hist.number_atoms_total               86 
_refine_hist.pdbx_number_residues_total       6 
_refine_hist.pdbx_B_iso_mean_ligand           24.28 
_refine_hist.pdbx_B_iso_mean_solvent          49.92 
_refine_hist.pdbx_number_atoms_protein        60 
_refine_hist.pdbx_number_atoms_nucleic_acid   0 
# 
loop_
_refine_ls_restr.pdbx_refine_id 
_refine_ls_restr.criterion 
_refine_ls_restr.dev_ideal 
_refine_ls_restr.dev_ideal_target 
_refine_ls_restr.number 
_refine_ls_restr.rejects 
_refine_ls_restr.type 
_refine_ls_restr.weight 
_refine_ls_restr.pdbx_restraint_function 
'X-RAY DIFFRACTION' ? 0.016  0.020  79  ? r_bond_refined_d       ? ? 
'X-RAY DIFFRACTION' ? 0.004  0.020  83  ? r_bond_other_d         ? ? 
'X-RAY DIFFRACTION' ? 1.995  2.140  95  ? r_angle_refined_deg    ? ? 
'X-RAY DIFFRACTION' ? 1.143  3.000  192 ? r_angle_other_deg      ? ? 
'X-RAY DIFFRACTION' ? 8.623  5.000  5   ? r_dihedral_angle_1_deg ? ? 
'X-RAY DIFFRACTION' ? 19.639 20.000 3   ? r_dihedral_angle_2_deg ? ? 
'X-RAY DIFFRACTION' ? 7.158  15.000 13  ? r_dihedral_angle_3_deg ? ? 
'X-RAY DIFFRACTION' ? 0.084  0.200  7   ? r_chiral_restr         ? ? 
'X-RAY DIFFRACTION' ? 0.008  0.020  64  ? r_gen_planes_refined   ? ? 
'X-RAY DIFFRACTION' ? 0.001  0.020  20  ? r_gen_planes_other     ? ? 
'X-RAY DIFFRACTION' ? 2.057  3.000  162 ? r_rigid_bond_restr     ? ? 
'X-RAY DIFFRACTION' ? ?      5.000  1   ? r_sphericity_free      ? ? 
'X-RAY DIFFRACTION' ? 9.746  5.000  168 ? r_sphericity_bonded    ? ? 
# 
_refine_ls_shell.pdbx_refine_id                   'X-RAY DIFFRACTION' 
_refine_ls_shell.d_res_high                       1.5140 
_refine_ls_shell.d_res_low                        1.5530 
_refine_ls_shell.number_reflns_all                89 
_refine_ls_shell.number_reflns_obs                ? 
_refine_ls_shell.number_reflns_R_free             12 
_refine_ls_shell.number_reflns_R_work             77 
_refine_ls_shell.percent_reflns_obs               98.8900 
_refine_ls_shell.percent_reflns_R_free            ? 
_refine_ls_shell.R_factor_all                     ? 
_refine_ls_shell.R_factor_obs                     ? 
_refine_ls_shell.R_factor_R_free                  0.2120 
_refine_ls_shell.R_factor_R_free_error            0.0000 
_refine_ls_shell.R_factor_R_work                  0.2770 
_refine_ls_shell.redundancy_reflns_all            ? 
_refine_ls_shell.redundancy_reflns_obs            ? 
_refine_ls_shell.wR_factor_all                    ? 
_refine_ls_shell.wR_factor_obs                    ? 
_refine_ls_shell.wR_factor_R_free                 ? 
_refine_ls_shell.wR_factor_R_work                 ? 
_refine_ls_shell.pdbx_total_number_of_bins_used   20 
_refine_ls_shell.pdbx_phase_error                 ? 
_refine_ls_shell.pdbx_fsc_work                    ? 
_refine_ls_shell.pdbx_fsc_free                    ? 
# 
_struct.entry_id                     6FHC 
_struct.title                        
'Crystal Structure of the Amyloid-like hexametric polymorph of the LFKFFK segment from the S. aureus PSMalpha3' 
_struct.pdbx_model_details           'Phenol Soluble Modulin' 
_struct.pdbx_formula_weight          ? 
_struct.pdbx_formula_weight_method   ? 
_struct.pdbx_model_type_details      ? 
_struct.pdbx_CASP_flag               N 
# 
_struct_keywords.entry_id        6FHC 
_struct_keywords.text            'Hexamer, amyloid-like, bacterial amyloid fibril, S. aureus, PSM, PROTEIN FIBRIL' 
_struct_keywords.pdbx_keywords   'PROTEIN FIBRIL' 
# 
loop_
_struct_asym.id 
_struct_asym.pdbx_blank_PDB_chainid_flag 
_struct_asym.pdbx_modified 
_struct_asym.entity_id 
_struct_asym.details 
A N N 1 ? 
B N N 2 ? 
C N N 3 ? 
D N N 4 ? 
E N N 5 ? 
F N N 6 ? 
# 
_struct_ref.id                         1 
_struct_ref.db_name                    UNP 
_struct_ref.db_code                    H9BRQ7_STAAU 
_struct_ref.pdbx_db_accession          H9BRQ7 
_struct_ref.pdbx_db_isoform            ? 
_struct_ref.entity_id                  1 
_struct_ref.pdbx_seq_one_letter_code   LFKFFK 
_struct_ref.pdbx_align_begin           7 
# 
_struct_ref_seq.align_id                      1 
_struct_ref_seq.ref_id                        1 
_struct_ref_seq.pdbx_PDB_id_code              6FHC 
_struct_ref_seq.pdbx_strand_id                A 
_struct_ref_seq.seq_align_beg                 1 
_struct_ref_seq.pdbx_seq_align_beg_ins_code   ? 
_struct_ref_seq.seq_align_end                 6 
_struct_ref_seq.pdbx_seq_align_end_ins_code   ? 
_struct_ref_seq.pdbx_db_accession             H9BRQ7 
_struct_ref_seq.db_align_beg                  7 
_struct_ref_seq.pdbx_db_align_beg_ins_code    ? 
_struct_ref_seq.db_align_end                  12 
_struct_ref_seq.pdbx_db_align_end_ins_code    ? 
_struct_ref_seq.pdbx_auth_seq_align_beg       1 
_struct_ref_seq.pdbx_auth_seq_align_end       6 
# 
_pdbx_struct_assembly.id                   1 
_pdbx_struct_assembly.details              author_defined_assembly 
_pdbx_struct_assembly.method_details       ? 
_pdbx_struct_assembly.oligomeric_details   54-meric 
_pdbx_struct_assembly.oligomeric_count     54 
# 
loop_
_pdbx_struct_assembly_gen.assembly_id 
_pdbx_struct_assembly_gen.oper_expression 
_pdbx_struct_assembly_gen.asym_id_list 
1 1    A,B,C,D,E,F 
1 2    A,B,C,D,E,F 
1 3    A,B,C,D,E,F 
1 4    A,B,C,D,E,F 
1 5,49 A,B,C,D,E,F 
1 6    A,B,C,D,E,F 
1 7,51 A,B,C,D,E,F 
1 8,52 A,B,C,D,E,F 
1 9,53 A,B,C,D,E,F 
1 10   A,B,C,D,E,F 
1 11   A,B,C,D,E,F 
1 12   A,B,C,D,E,F 
1 13   A,B,C,D,E,F 
1 14   A,B,C,D,E,F 
1 15   A,B,C,D,E,F 
1 16   A,B,C,D,E,F 
1 17   A,B,C,D,E,F 
1 18   A,B,C,D,E,F 
1 19   A,B,C,D,E,F 
1 20   A,B,C,D,E,F 
1 21   A,B,C,D,E,F 
1 22   A,B,C,D,E,F 
1 23   A,B,C,D,E,F 
1 24   A,B,C,D,E,F 
1 25   A,B,C,D,E,F 
1 26   A,B,C,D,E,F 
1 27   A,B,C,D,E,F 
1 28   A,B,C,D,E,F 
1 29   A,B,C,D,E,F 
1 30   A,B,C,D,E,F 
1 31   A,B,C,D,E,F 
1 32   A,B,C,D,E,F 
1 33   A,B,C,D,E,F 
1 34   A,B,C,D,E,F 
1 35   A,B,C,D,E,F 
1 36   A,B,C,D,E,F 
1 37   A,B,C,D,E,F 
1 38   A,B,C,D,E,F 
1 39   A,B,C,D,E,F 
1 40   A,B,C,D,E,F 
1 41   A,B,C,D,E,F 
1 42   A,B,C,D,E,F 
1 43   A,B,C,D,E,F 
1 44   A,B,C,D,E,F 
1 45   A,B,C,D,E,F 
1 46   A,B,C,D,E,F 
1 47   A,B,C,D,E,F 
1 48   A,B,C,D,E,F 
1 50   A,B,C,D,E,F 
1 54   A,B,C,D,E,F 
# 
_pdbx_struct_assembly_auth_evidence.id                     1 
_pdbx_struct_assembly_auth_evidence.assembly_id            1 
_pdbx_struct_assembly_auth_evidence.experimental_support   microscopy 
_pdbx_struct_assembly_auth_evidence.details                'Fibrils are seen by electron microscopy' 
# 
loop_
_pdbx_struct_oper_list.id 
_pdbx_struct_oper_list.type 
_pdbx_struct_oper_list.name 
_pdbx_struct_oper_list.symmetry_operation 
_pdbx_struct_oper_list.matrix[1][1] 
_pdbx_struct_oper_list.matrix[1][2] 
_pdbx_struct_oper_list.matrix[1][3] 
_pdbx_struct_oper_list.vector[1] 
_pdbx_struct_oper_list.matrix[2][1] 
_pdbx_struct_oper_list.matrix[2][2] 
_pdbx_struct_oper_list.matrix[2][3] 
_pdbx_struct_oper_list.vector[2] 
_pdbx_struct_oper_list.matrix[3][1] 
_pdbx_struct_oper_list.matrix[3][2] 
_pdbx_struct_oper_list.matrix[3][3] 
_pdbx_struct_oper_list.vector[3] 
1  'identity operation'         1_555 x,y,z          1.0000000000  0.0000000000  0.0000000000  0.0000000000   0.0000000000  1.0000000000 0.0000000000  0.0000000000   0.0000000000  0.0000000000  1.0000000000  0.0000000000   
2  'crystal symmetry operation' 1_556 x,y,z+1        1.0000000000  0.0000000000  0.0000000000  -5.2479166049  0.0000000000  1.0000000000 0.0000000000  -6.8481192548  0.0000000000  0.0000000000  1.0000000000  -4.2822958772  
3  'crystal symmetry operation' 1_557 x,y,z+2        1.0000000000  0.0000000000  0.0000000000  -10.4958332097 0.0000000000  1.0000000000 0.0000000000  -13.6962385096 0.0000000000  0.0000000000  1.0000000000  -8.5645917545  
4  'crystal symmetry operation' 1_558 x,y,z+3        1.0000000000  0.0000000000  0.0000000000  -15.7437498146 0.0000000000  1.0000000000 0.0000000000  -20.5443577644 0.0000000000  0.0000000000  1.0000000000  -12.8468876317 
5  'crystal symmetry operation' 1_559 x,y,z+4        1.0000000000  0.0000000000  0.0000000000  -20.9916664195 0.0000000000  1.0000000000 0.0000000000  -27.3924770192 0.0000000000  0.0000000000  1.0000000000  -17.1291835089 
6  'crystal symmetry operation' 1_551 x,y,z-4        1.0000000000  0.0000000000  0.0000000000  20.9916664195  0.0000000000  1.0000000000 0.0000000000  27.3924770192  0.0000000000  0.0000000000  1.0000000000  17.1291835089  
7  'crystal symmetry operation' 1_552 x,y,z-3        1.0000000000  0.0000000000  0.0000000000  15.7437498146  0.0000000000  1.0000000000 0.0000000000  20.5443577644  0.0000000000  0.0000000000  1.0000000000  12.8468876317  
8  'crystal symmetry operation' 1_553 x,y,z-2        1.0000000000  0.0000000000  0.0000000000  10.4958332097  0.0000000000  1.0000000000 0.0000000000  13.6962385096  0.0000000000  0.0000000000  1.0000000000  8.5645917545   
9  'crystal symmetry operation' 1_554 x,y,z-1        1.0000000000  0.0000000000  0.0000000000  5.2479166049   0.0000000000  1.0000000000 0.0000000000  6.8481192548   0.0000000000  0.0000000000  1.0000000000  4.2822958772   
10 'crystal symmetry operation' 2_555 -y,x-y,z+2/3   -0.0547210537 0.9660807580  -0.2523758611 -20.4541071041 0.1960273909  0.2582299596 0.9459865485  -7.1346456339  0.9790704103  0.0022927992  -0.2035089059 22.0325901081  
11 'crystal symmetry operation' 2_556 -y,x-y,z+5/3   -0.0547210537 0.9660807580  -0.2523758611 -25.7020237090 0.1960273909  0.2582299596 0.9459865485  -13.9827648887 0.9790704103  0.0022927992  -0.2035089059 17.7502942309  
12 'crystal symmetry operation' 2_557 -y,x-y,z+8/3   -0.0547210537 0.9660807580  -0.2523758611 -30.9499403139 0.1960273909  0.2582299596 0.9459865485  -20.8308841435 0.9790704103  0.0022927992  -0.2035089059 13.4679983536  
13 'crystal symmetry operation' 2_558 -y,x-y,z+11/3  -0.0547210537 0.9660807580  -0.2523758611 -36.1978569187 0.1960273909  0.2582299596 0.9459865485  -27.6790033983 0.9790704103  0.0022927992  -0.2035089059 9.1857024764   
14 'crystal symmetry operation' 2_559 -y,x-y,z+14/3  -0.0547210537 0.9660807580  -0.2523758611 -41.4457735236 0.1960273909  0.2582299596 0.9459865485  -34.5271226531 0.9790704103  0.0022927992  -0.2035089059 4.9034065992   
15 'crystal symmetry operation' 2_551 -y,x-y,z-10/3  -0.0547210537 0.9660807580  -0.2523758611 0.5375593154   0.1960273909  0.2582299596 0.9459865485  20.2578313854  0.9790704103  0.0022927992  -0.2035089059 39.1617736170  
16 'crystal symmetry operation' 2_552 -y,x-y,z-7/3   -0.0547210537 0.9660807580  -0.2523758611 -4.7103572895  0.1960273909  0.2582299596 0.9459865485  13.4097121306  0.9790704103  0.0022927992  -0.2035089059 34.8794777398  
17 'crystal symmetry operation' 2_553 -y,x-y,z-4/3   -0.0547210537 0.9660807580  -0.2523758611 -9.9582738944  0.1960273909  0.2582299596 0.9459865485  6.5615928757   0.9790704103  0.0022927992  -0.2035089059 30.5971818626  
18 'crystal symmetry operation' 2_554 -y,x-y,z-1/3   -0.0547210537 0.9660807580  -0.2523758611 -15.2061904992 0.1960273909  0.2582299596 0.9459865485  -0.2865263791  0.9790704103  0.0022927992  -0.2035089059 26.3148859853  
19 'crystal symmetry operation' 3_555 -x+y,-x,z+1/3  -0.0547210537 0.1960273909  0.9790704103  -26.5400579673 0.9660807580  0.2582299596 0.0022927992  14.7040629903  -0.2523758611 0.9459865485  -0.2035089059 1.7886883342   
20 'crystal symmetry operation' 3_556 -x+y,-x,z+4/3  -0.0547210537 0.1960273909  0.9790704103  -31.7879745722 0.9660807580  0.2582299596 0.0022927992  7.8559437355   -0.2523758611 0.9459865485  -0.2035089059 -2.4936075430  
21 'crystal symmetry operation' 3_557 -x+y,-x,z+7/3  -0.0547210537 0.1960273909  0.9790704103  -37.0358911770 0.9660807580  0.2582299596 0.0022927992  1.0078244807   -0.2523758611 0.9459865485  -0.2035089059 -6.7759034202  
22 'crystal symmetry operation' 3_558 -x+y,-x,z+10/3 -0.0547210537 0.1960273909  0.9790704103  -42.2838077819 0.9660807580  0.2582299596 0.0022927992  -5.8402947741  -0.2523758611 0.9459865485  -0.2035089059 -11.0581992975 
23 'crystal symmetry operation' 3_559 -x+y,-x,z+13/3 -0.0547210537 0.1960273909  0.9790704103  -47.5317243868 0.9660807580  0.2582299596 0.0022927992  -12.6884140289 -0.2523758611 0.9459865485  -0.2035089059 -15.3404951747 
24 'crystal symmetry operation' 3_551 -x+y,-x,z-11/3 -0.0547210537 0.1960273909  0.9790704103  -5.5483915478  0.9660807580  0.2582299596 0.0022927992  42.0965400095  -0.2523758611 0.9459865485  -0.2035089059 18.9178718432  
25 'crystal symmetry operation' 3_552 -x+y,-x,z-8/3  -0.0547210537 0.1960273909  0.9790704103  -10.7963081527 0.9660807580  0.2582299596 0.0022927992  35.2484207547  -0.2523758611 0.9459865485  -0.2035089059 14.6355759659  
26 'crystal symmetry operation' 3_553 -x+y,-x,z-5/3  -0.0547210537 0.1960273909  0.9790704103  -16.0442247575 0.9660807580  0.2582299596 0.0022927992  28.4003014999  -0.2523758611 0.9459865485  -0.2035089059 10.3532800887  
27 'crystal symmetry operation' 3_554 -x+y,-x,z-2/3  -0.0547210537 0.1960273909  0.9790704103  -21.2921413624 0.9660807580  0.2582299596 0.0022927992  21.5521822451  -0.2523758611 0.9459865485  -0.2035089059 6.0709842115   
28 'crystal symmetry operation' 4_555 -x,-y,z+1/2    -0.4062947383 0.7747387659  0.4844630328  -30.4547906134 0.7747387659  0.0109732795 0.6321862318  6.1876314468   0.4844630328  0.6321862318  -0.6046785412 16.5945682744  
29 'crystal symmetry operation' 4_556 -x,-y,z+3/2    -0.4062947383 0.7747387659  0.4844630328  -35.7027072183 0.7747387659  0.0109732795 0.6321862318  -0.6604878081  0.4844630328  0.6321862318  -0.6046785412 12.3122723972  
30 'crystal symmetry operation' 4_557 -x,-y,z+5/2    -0.4062947383 0.7747387659  0.4844630328  -40.9506238232 0.7747387659  0.0109732795 0.6321862318  -7.5086070629  0.4844630328  0.6321862318  -0.6046785412 8.0299765200   
31 'crystal symmetry operation' 4_558 -x,-y,z+7/2    -0.4062947383 0.7747387659  0.4844630328  -46.1985404281 0.7747387659  0.0109732795 0.6321862318  -14.3567263177 0.4844630328  0.6321862318  -0.6046785412 3.7476806427   
32 'crystal symmetry operation' 4_559 -x,-y,z+9/2    -0.4062947383 0.7747387659  0.4844630328  -51.4464570329 0.7747387659  0.0109732795 0.6321862318  -21.2048455725 0.4844630328  0.6321862318  -0.6046785412 -0.5346152345  
33 'crystal symmetry operation' 4_551 -x,-y,z-7/2    -0.4062947383 0.7747387659  0.4844630328  -9.4631241939  0.7747387659  0.0109732795 0.6321862318  33.5801084660  0.4844630328  0.6321862318  -0.6046785412 33.7237517834  
34 'crystal symmetry operation' 4_552 -x,-y,z-5/2    -0.4062947383 0.7747387659  0.4844630328  -14.7110407988 0.7747387659  0.0109732795 0.6321862318  26.7319892112  0.4844630328  0.6321862318  -0.6046785412 29.4414559061  
35 'crystal symmetry operation' 4_553 -x,-y,z-3/2    -0.4062947383 0.7747387659  0.4844630328  -19.9589574037 0.7747387659  0.0109732795 0.6321862318  19.8838699564  0.4844630328  0.6321862318  -0.6046785412 25.1591600289  
36 'crystal symmetry operation' 4_554 -x,-y,z-1/2    -0.4062947383 0.7747387659  0.4844630328  -25.2068740086 0.7747387659  0.0109732795 0.6321862318  13.0357507016  0.4844630328  0.6321862318  -0.6046785412 20.8768641517  
37 'crystal symmetry operation' 5_555 y,-x+y,z+1/6   0.6484263154  -0.1913419921 0.7368388939  -11.7499890443 0.5787113751  0.7527433199 -0.3138003167 11.0395706624  -0.4946073775 0.6298934326  0.5988303647  -6.8654537927  
38 'crystal symmetry operation' 5_556 y,-x+y,z+7/6   0.6484263154  -0.1913419921 0.7368388939  -16.9979056491 0.5787113751  0.7527433199 -0.3138003167 4.1914514076   -0.4946073775 0.6298934326  0.5988303647  -11.1477496700 
39 'crystal symmetry operation' 5_557 y,-x+y,z+13/6  0.6484263154  -0.1913419921 0.7368388939  -22.2458222540 0.5787113751  0.7527433199 -0.3138003167 -2.6566678472  -0.4946073775 0.6298934326  0.5988303647  -15.4300455472 
40 'crystal symmetry operation' 5_558 y,-x+y,z+19/6  0.6484263154  -0.1913419921 0.7368388939  -27.4937388589 0.5787113751  0.7527433199 -0.3138003167 -9.5047871020  -0.4946073775 0.6298934326  0.5988303647  -19.7123414244 
41 'crystal symmetry operation' 5_559 y,-x+y,z+25/6  0.6484263154  -0.1913419921 0.7368388939  -32.7416554638 0.5787113751  0.7527433199 -0.3138003167 -16.3529063568 -0.4946073775 0.6298934326  0.5988303647  -23.9946373017 
42 'crystal symmetry operation' 5_551 y,-x+y,z-23/6  0.6484263154  -0.1913419921 0.7368388939  9.2416773752   0.5787113751  0.7527433199 -0.3138003167 38.4320476816  -0.4946073775 0.6298934326  0.5988303647  10.2637297162  
43 'crystal symmetry operation' 5_552 y,-x+y,z-17/6  0.6484263154  -0.1913419921 0.7368388939  3.9937607704   0.5787113751  0.7527433199 -0.3138003167 31.5839284268  -0.4946073775 0.6298934326  0.5988303647  5.9814338390   
44 'crystal symmetry operation' 5_553 y,-x+y,z-11/6  0.6484263154  -0.1913419921 0.7368388939  -1.2541558345  0.5787113751  0.7527433199 -0.3138003167 24.7358091720  -0.4946073775 0.6298934326  0.5988303647  1.6991379618   
45 'crystal symmetry operation' 5_554 y,-x+y,z-5/6   0.6484263154  -0.1913419921 0.7368388939  -6.5020724394  0.5787113751  0.7527433199 -0.3138003167 17.8876899172  -0.4946073775 0.6298934326  0.5988303647  -2.5831579155  
46 'crystal symmetry operation' 6_555 x-y,x,z+5/6    0.6484263154  0.5787113751  -0.4946073775 -7.4133437161  -0.1913419921 0.7527433199 0.6298934326  -13.0818443801 0.7368388939  -0.3138003167 0.5988303647  11.9510160220  
47 'crystal symmetry operation' 6_556 x-y,x,z+11/6   0.6484263154  0.5787113751  -0.4946073775 -12.6612603210 -0.1913419921 0.7527433199 0.6298934326  -19.9299636349 0.7368388939  -0.3138003167 0.5988303647  7.6687201448   
48 'crystal symmetry operation' 6_557 x-y,x,z+17/6   0.6484263154  0.5787113751  -0.4946073775 -17.9091769259 -0.1913419921 0.7527433199 0.6298934326  -26.7780828897 0.7368388939  -0.3138003167 0.5988303647  3.3864242675   
49 'crystal symmetry operation' 6_558 x-y,x,z+23/6   0.6484263154  0.5787113751  -0.4946073775 -23.1570935307 -0.1913419921 0.7527433199 0.6298934326  -33.6262021446 0.7368388939  -0.3138003167 0.5988303647  -0.8958716097  
50 'crystal symmetry operation' 6_559 x-y,x,z+29/6   0.6484263154  0.5787113751  -0.4946073775 -28.4050101356 -0.1913419921 0.7527433199 0.6298934326  -40.4743213994 0.7368388939  -0.3138003167 0.5988303647  -5.1781674869  
51 'crystal symmetry operation' 6_551 x-y,x,z-19/6   0.6484263154  0.5787113751  -0.4946073775 13.5783227034  -0.1913419921 0.7527433199 0.6298934326  14.3106326391  0.7368388939  -0.3138003167 0.5988303647  29.0801995310  
52 'crystal symmetry operation' 6_552 x-y,x,z-13/6   0.6484263154  0.5787113751  -0.4946073775 8.3304060985   -0.1913419921 0.7527433199 0.6298934326  7.4625133843   0.7368388939  -0.3138003167 0.5988303647  24.7979036537  
53 'crystal symmetry operation' 6_553 x-y,x,z-7/6    0.6484263154  0.5787113751  -0.4946073775 3.0824894936   -0.1913419921 0.7527433199 0.6298934326  0.6143941295   0.7368388939  -0.3138003167 0.5988303647  20.5156077765  
54 'crystal symmetry operation' 6_554 x-y,x,z-1/6    0.6484263154  0.5787113751  -0.4946073775 -2.1654271112  -0.1913419921 0.7527433199 0.6298934326  -6.2337251253  0.7368388939  -0.3138003167 0.5988303647  16.2333118992  
# 
loop_
_struct_site.id 
_struct_site.pdbx_evidence_code 
_struct_site.pdbx_auth_asym_id 
_struct_site.pdbx_auth_comp_id 
_struct_site.pdbx_auth_seq_id 
_struct_site.pdbx_auth_ins_code 
_struct_site.pdbx_num_residues 
_struct_site.details 
AC1 Software A CO3 101 ? 4  'binding site for residue CO3 A 101' 
AC2 Software A SCN 102 ? 4  'binding site for residue SCN A 102' 
AC3 Software A PG4 103 ? 11 'binding site for residue PG4 A 103' 
AC4 Software A CL  104 ? 4  'binding site for residue CL A 104'  
# 
loop_
_struct_site_gen.id 
_struct_site_gen.site_id 
_struct_site_gen.pdbx_num_res 
_struct_site_gen.label_comp_id 
_struct_site_gen.label_asym_id 
_struct_site_gen.label_seq_id 
_struct_site_gen.pdbx_auth_ins_code 
_struct_site_gen.auth_comp_id 
_struct_site_gen.auth_asym_id 
_struct_site_gen.auth_seq_id 
_struct_site_gen.label_atom_id 
_struct_site_gen.label_alt_id 
_struct_site_gen.symmetry 
_struct_site_gen.details 
1  AC1 4  LEU A 1 ? LEU A 1   . ? 2_664 ? 
2  AC1 4  LYS A 6 ? LYS A 6   . ? 1_555 ? 
3  AC1 4  SCN C . ? SCN A 102 . ? 1_555 ? 
4  AC1 4  HOH F . ? HOH A 205 . ? 5_555 ? 
5  AC2 4  LEU A 1 ? LEU A 1   . ? 4_564 ? 
6  AC2 4  PHE A 5 ? PHE A 5   . ? 1_554 ? 
7  AC2 4  LYS A 6 ? LYS A 6   . ? 5_554 ? 
8  AC2 4  CO3 B . ? CO3 A 101 . ? 1_555 ? 
9  AC3 11 LEU A 1 ? LEU A 1   . ? 2_664 ? 
10 AC3 11 PHE A 2 ? PHE A 2   . ? 4_564 ? 
11 AC3 11 PHE A 2 ? PHE A 2   . ? 4_565 ? 
12 AC3 11 LYS A 3 ? LYS A 3   . ? 1_555 ? 
13 AC3 11 LYS A 3 ? LYS A 3   . ? 2_664 ? 
14 AC3 11 PHE A 4 ? PHE A 4   . ? 5_555 ? 
15 AC3 11 PHE A 5 ? PHE A 5   . ? 1_555 ? 
16 AC3 11 CL  E . ? CL  A 104 . ? 1_555 ? 
17 AC3 11 HOH F . ? HOH A 201 . ? 1_555 ? 
18 AC3 11 HOH F . ? HOH A 201 . ? 2_664 ? 
19 AC3 11 HOH F . ? HOH A 204 . ? 2_664 ? 
20 AC4 4  LYS A 3 ? LYS A 3   . ? 2_664 ? 
21 AC4 4  PG4 D . ? PG4 A 103 . ? 1_555 ? 
22 AC4 4  HOH F . ? HOH A 201 . ? 2_665 ? 
23 AC4 4  HOH F . ? HOH A 204 . ? 1_555 ? 
# 
_pdbx_validate_close_contact.id               1 
_pdbx_validate_close_contact.PDB_model_num    1 
_pdbx_validate_close_contact.auth_atom_id_1   O5 
_pdbx_validate_close_contact.auth_asym_id_1   A 
_pdbx_validate_close_contact.auth_comp_id_1   PG4 
_pdbx_validate_close_contact.auth_seq_id_1    103 
_pdbx_validate_close_contact.PDB_ins_code_1   ? 
_pdbx_validate_close_contact.label_alt_id_1   ? 
_pdbx_validate_close_contact.auth_atom_id_2   O 
_pdbx_validate_close_contact.auth_asym_id_2   A 
_pdbx_validate_close_contact.auth_comp_id_2   HOH 
_pdbx_validate_close_contact.auth_seq_id_2    201 
_pdbx_validate_close_contact.PDB_ins_code_2   ? 
_pdbx_validate_close_contact.label_alt_id_2   ? 
_pdbx_validate_close_contact.dist             2.02 
# 
_pdbx_phasing_MR.entry_id                     6FHC 
_pdbx_phasing_MR.method_rotation              ? 
_pdbx_phasing_MR.method_translation           ? 
_pdbx_phasing_MR.model_details                'Phaser MODE: MR_AUTO' 
_pdbx_phasing_MR.R_factor                     ? 
_pdbx_phasing_MR.R_rigid_body                 ? 
_pdbx_phasing_MR.correlation_coeff_Fo_to_Fc   ? 
_pdbx_phasing_MR.correlation_coeff_Io_to_Ic   ? 
_pdbx_phasing_MR.d_res_high_rotation          1.510 
_pdbx_phasing_MR.d_res_low_rotation           31.000 
_pdbx_phasing_MR.d_res_high_translation       1.510 
_pdbx_phasing_MR.d_res_low_translation        31.000 
_pdbx_phasing_MR.packing                      ? 
_pdbx_phasing_MR.reflns_percent_rotation      ? 
_pdbx_phasing_MR.reflns_percent_translation   ? 
_pdbx_phasing_MR.sigma_F_rotation             ? 
_pdbx_phasing_MR.sigma_F_translation          ? 
_pdbx_phasing_MR.sigma_I_rotation             ? 
_pdbx_phasing_MR.sigma_I_translation          ? 
# 
_phasing.method   MR 
# 
loop_
_chem_comp_atom.comp_id 
_chem_comp_atom.atom_id 
_chem_comp_atom.type_symbol 
_chem_comp_atom.pdbx_aromatic_flag 
_chem_comp_atom.pdbx_stereo_config 
_chem_comp_atom.pdbx_ordinal 
CL  CL   CL N N 1   
CO3 C    C  N N 2   
CO3 O1   O  N N 3   
CO3 O2   O  N N 4   
CO3 O3   O  N N 5   
HOH O    O  N N 6   
HOH H1   H  N N 7   
HOH H2   H  N N 8   
LEU N    N  N N 9   
LEU CA   C  N S 10  
LEU C    C  N N 11  
LEU O    O  N N 12  
LEU CB   C  N N 13  
LEU CG   C  N N 14  
LEU CD1  C  N N 15  
LEU CD2  C  N N 16  
LEU OXT  O  N N 17  
LEU H    H  N N 18  
LEU H2   H  N N 19  
LEU HA   H  N N 20  
LEU HB2  H  N N 21  
LEU HB3  H  N N 22  
LEU HG   H  N N 23  
LEU HD11 H  N N 24  
LEU HD12 H  N N 25  
LEU HD13 H  N N 26  
LEU HD21 H  N N 27  
LEU HD22 H  N N 28  
LEU HD23 H  N N 29  
LEU HXT  H  N N 30  
LYS N    N  N N 31  
LYS CA   C  N S 32  
LYS C    C  N N 33  
LYS O    O  N N 34  
LYS CB   C  N N 35  
LYS CG   C  N N 36  
LYS CD   C  N N 37  
LYS CE   C  N N 38  
LYS NZ   N  N N 39  
LYS OXT  O  N N 40  
LYS H    H  N N 41  
LYS H2   H  N N 42  
LYS HA   H  N N 43  
LYS HB2  H  N N 44  
LYS HB3  H  N N 45  
LYS HG2  H  N N 46  
LYS HG3  H  N N 47  
LYS HD2  H  N N 48  
LYS HD3  H  N N 49  
LYS HE2  H  N N 50  
LYS HE3  H  N N 51  
LYS HZ1  H  N N 52  
LYS HZ2  H  N N 53  
LYS HZ3  H  N N 54  
LYS HXT  H  N N 55  
PG4 O1   O  N N 56  
PG4 C1   C  N N 57  
PG4 C2   C  N N 58  
PG4 O2   O  N N 59  
PG4 C3   C  N N 60  
PG4 C4   C  N N 61  
PG4 O3   O  N N 62  
PG4 C5   C  N N 63  
PG4 C6   C  N N 64  
PG4 O4   O  N N 65  
PG4 C7   C  N N 66  
PG4 C8   C  N N 67  
PG4 O5   O  N N 68  
PG4 HO1  H  N N 69  
PG4 H11  H  N N 70  
PG4 H12  H  N N 71  
PG4 H21  H  N N 72  
PG4 H22  H  N N 73  
PG4 H31  H  N N 74  
PG4 H32  H  N N 75  
PG4 H41  H  N N 76  
PG4 H42  H  N N 77  
PG4 H51  H  N N 78  
PG4 H52  H  N N 79  
PG4 H61  H  N N 80  
PG4 H62  H  N N 81  
PG4 H71  H  N N 82  
PG4 H72  H  N N 83  
PG4 H81  H  N N 84  
PG4 H82  H  N N 85  
PG4 HO5  H  N N 86  
PHE N    N  N N 87  
PHE CA   C  N S 88  
PHE C    C  N N 89  
PHE O    O  N N 90  
PHE CB   C  N N 91  
PHE CG   C  Y N 92  
PHE CD1  C  Y N 93  
PHE CD2  C  Y N 94  
PHE CE1  C  Y N 95  
PHE CE2  C  Y N 96  
PHE CZ   C  Y N 97  
PHE OXT  O  N N 98  
PHE H    H  N N 99  
PHE H2   H  N N 100 
PHE HA   H  N N 101 
PHE HB2  H  N N 102 
PHE HB3  H  N N 103 
PHE HD1  H  N N 104 
PHE HD2  H  N N 105 
PHE HE1  H  N N 106 
PHE HE2  H  N N 107 
PHE HZ   H  N N 108 
PHE HXT  H  N N 109 
SCN S    S  N N 110 
SCN C    C  N N 111 
SCN N    N  N N 112 
# 
loop_
_chem_comp_bond.comp_id 
_chem_comp_bond.atom_id_1 
_chem_comp_bond.atom_id_2 
_chem_comp_bond.value_order 
_chem_comp_bond.pdbx_aromatic_flag 
_chem_comp_bond.pdbx_stereo_config 
_chem_comp_bond.pdbx_ordinal 
CO3 C   O1   doub N N 1   
CO3 C   O2   sing N N 2   
CO3 C   O3   sing N N 3   
HOH O   H1   sing N N 4   
HOH O   H2   sing N N 5   
LEU N   CA   sing N N 6   
LEU N   H    sing N N 7   
LEU N   H2   sing N N 8   
LEU CA  C    sing N N 9   
LEU CA  CB   sing N N 10  
LEU CA  HA   sing N N 11  
LEU C   O    doub N N 12  
LEU C   OXT  sing N N 13  
LEU CB  CG   sing N N 14  
LEU CB  HB2  sing N N 15  
LEU CB  HB3  sing N N 16  
LEU CG  CD1  sing N N 17  
LEU CG  CD2  sing N N 18  
LEU CG  HG   sing N N 19  
LEU CD1 HD11 sing N N 20  
LEU CD1 HD12 sing N N 21  
LEU CD1 HD13 sing N N 22  
LEU CD2 HD21 sing N N 23  
LEU CD2 HD22 sing N N 24  
LEU CD2 HD23 sing N N 25  
LEU OXT HXT  sing N N 26  
LYS N   CA   sing N N 27  
LYS N   H    sing N N 28  
LYS N   H2   sing N N 29  
LYS CA  C    sing N N 30  
LYS CA  CB   sing N N 31  
LYS CA  HA   sing N N 32  
LYS C   O    doub N N 33  
LYS C   OXT  sing N N 34  
LYS CB  CG   sing N N 35  
LYS CB  HB2  sing N N 36  
LYS CB  HB3  sing N N 37  
LYS CG  CD   sing N N 38  
LYS CG  HG2  sing N N 39  
LYS CG  HG3  sing N N 40  
LYS CD  CE   sing N N 41  
LYS CD  HD2  sing N N 42  
LYS CD  HD3  sing N N 43  
LYS CE  NZ   sing N N 44  
LYS CE  HE2  sing N N 45  
LYS CE  HE3  sing N N 46  
LYS NZ  HZ1  sing N N 47  
LYS NZ  HZ2  sing N N 48  
LYS NZ  HZ3  sing N N 49  
LYS OXT HXT  sing N N 50  
PG4 O1  C1   sing N N 51  
PG4 O1  HO1  sing N N 52  
PG4 C1  C2   sing N N 53  
PG4 C1  H11  sing N N 54  
PG4 C1  H12  sing N N 55  
PG4 C2  O2   sing N N 56  
PG4 C2  H21  sing N N 57  
PG4 C2  H22  sing N N 58  
PG4 O2  C3   sing N N 59  
PG4 C3  C4   sing N N 60  
PG4 C3  H31  sing N N 61  
PG4 C3  H32  sing N N 62  
PG4 C4  O3   sing N N 63  
PG4 C4  H41  sing N N 64  
PG4 C4  H42  sing N N 65  
PG4 O3  C5   sing N N 66  
PG4 C5  C6   sing N N 67  
PG4 C5  H51  sing N N 68  
PG4 C5  H52  sing N N 69  
PG4 C6  O4   sing N N 70  
PG4 C6  H61  sing N N 71  
PG4 C6  H62  sing N N 72  
PG4 O4  C7   sing N N 73  
PG4 C7  C8   sing N N 74  
PG4 C7  H71  sing N N 75  
PG4 C7  H72  sing N N 76  
PG4 C8  O5   sing N N 77  
PG4 C8  H81  sing N N 78  
PG4 C8  H82  sing N N 79  
PG4 O5  HO5  sing N N 80  
PHE N   CA   sing N N 81  
PHE N   H    sing N N 82  
PHE N   H2   sing N N 83  
PHE CA  C    sing N N 84  
PHE CA  CB   sing N N 85  
PHE CA  HA   sing N N 86  
PHE C   O    doub N N 87  
PHE C   OXT  sing N N 88  
PHE CB  CG   sing N N 89  
PHE CB  HB2  sing N N 90  
PHE CB  HB3  sing N N 91  
PHE CG  CD1  doub Y N 92  
PHE CG  CD2  sing Y N 93  
PHE CD1 CE1  sing Y N 94  
PHE CD1 HD1  sing N N 95  
PHE CD2 CE2  doub Y N 96  
PHE CD2 HD2  sing N N 97  
PHE CE1 CZ   doub Y N 98  
PHE CE1 HE1  sing N N 99  
PHE CE2 CZ   sing Y N 100 
PHE CE2 HE2  sing N N 101 
PHE CZ  HZ   sing N N 102 
PHE OXT HXT  sing N N 103 
SCN S   C    sing N N 104 
SCN C   N    trip N N 105 
# 
loop_
_pdbx_audit_support.funding_organization 
_pdbx_audit_support.country 
_pdbx_audit_support.grant_number 
_pdbx_audit_support.ordinal 
'Israel Science Foundation'                                                                Israel 560/16   1 
'Deutsch-IsraelischeProjektkooperation (DIP)'                                              Israel 3655/1-1 2 
'I-CORE Program of the Planning and Budgeting Committee and The Israel Science Foundation' Israel 1775/12  3 
'United States - Israel Binational Science Foundation (BSF)'                               Israel 2013254  4 
# 
_pdbx_initial_refinement_model.accession_code   ? 
_pdbx_initial_refinement_model.id               1 
_pdbx_initial_refinement_model.entity_id_list   ? 
_pdbx_initial_refinement_model.type             'in silico model' 
_pdbx_initial_refinement_model.source_name      Other 
_pdbx_initial_refinement_model.details          'Ideal Beta-strand of poly-alanine' 
# 
_atom_sites.entry_id                    6FHC 
_atom_sites.fract_transf_matrix[1][1]   -0.00822261 
_atom_sites.fract_transf_matrix[1][2]   0.02082599 
_atom_sites.fract_transf_matrix[1][3]   -0.02322756 
_atom_sites.fract_transf_matrix[2][1]   0.01820896 
_atom_sites.fract_transf_matrix[2][2]   0.00261894 
_atom_sites.fract_transf_matrix[2][3]   -0.02650305 
_atom_sites.fract_transf_matrix[3][1]   -0.05656602 
_atom_sites.fract_transf_matrix[3][2]   -0.07381422 
_atom_sites.fract_transf_matrix[3][3]   -0.04615783 
_atom_sites.fract_transf_vector[1]      0.003085 
_atom_sites.fract_transf_vector[2]      0.489076 
_atom_sites.fract_transf_vector[3]      -0.014379 
# 
loop_
_atom_type.symbol 
C  
CL 
N  
O  
S  
# 
loop_
_atom_site.group_PDB 
_atom_site.id 
_atom_site.type_symbol 
_atom_site.label_atom_id 
_atom_site.label_alt_id 
_atom_site.label_comp_id 
_atom_site.label_asym_id 
_atom_site.label_entity_id 
_atom_site.label_seq_id 
_atom_site.pdbx_PDB_ins_code 
_atom_site.Cartn_x 
_atom_site.Cartn_y 
_atom_site.Cartn_z 
_atom_site.occupancy 
_atom_site.B_iso_or_equiv 
_atom_site.pdbx_formal_charge 
_atom_site.auth_seq_id 
_atom_site.auth_comp_id 
_atom_site.auth_asym_id 
_atom_site.auth_atom_id 
_atom_site.pdbx_PDB_model_num 
ATOM   1  N  N   . LEU A 1 1 ? 7.585  -3.200 -5.234 1.00 8.78  ? 1   LEU A N   1 
ATOM   2  C  CA  . LEU A 1 1 ? 6.710  -2.112 -4.763 1.00 8.41  ? 1   LEU A CA  1 
ATOM   3  C  C   . LEU A 1 1 ? 5.631  -2.684 -3.858 1.00 8.03  ? 1   LEU A C   1 
ATOM   4  O  O   . LEU A 1 1 ? 4.992  -3.682 -4.196 1.00 8.48  ? 1   LEU A O   1 
ATOM   5  C  CB  . LEU A 1 1 ? 6.049  -1.359 -5.949 1.00 9.95  ? 1   LEU A CB  1 
ATOM   6  C  CG  . LEU A 1 1 ? 5.001  -0.283 -5.561 1.00 9.80  ? 1   LEU A CG  1 
ATOM   7  C  CD1 . LEU A 1 1 ? 5.653  0.895  -4.853 1.00 10.10 ? 1   LEU A CD1 1 
ATOM   8  C  CD2 . LEU A 1 1 ? 4.203  0.228  -6.747 1.00 10.61 ? 1   LEU A CD2 1 
ATOM   9  N  N   . PHE A 1 2 ? 5.406  -2.009 -2.732 1.00 7.38  ? 2   PHE A N   1 
ATOM   10 C  CA  . PHE A 1 2 ? 4.292  -2.307 -1.863 1.00 7.64  ? 2   PHE A CA  1 
ATOM   11 C  C   . PHE A 1 2 ? 3.564  -1.005 -1.555 1.00 7.64  ? 2   PHE A C   1 
ATOM   12 O  O   . PHE A 1 2 ? 4.208  -0.003 -1.139 1.00 8.34  ? 2   PHE A O   1 
ATOM   13 C  CB  . PHE A 1 2 ? 4.793  -2.955 -0.552 1.00 8.79  ? 2   PHE A CB  1 
ATOM   14 C  CG  . PHE A 1 2 ? 3.698  -3.262 0.436  1.00 9.37  ? 2   PHE A CG  1 
ATOM   15 C  CD1 . PHE A 1 2 ? 2.794  -4.277 0.176  1.00 10.42 ? 2   PHE A CD1 1 
ATOM   16 C  CD2 . PHE A 1 2 ? 3.563  -2.537 1.620  1.00 11.14 ? 2   PHE A CD2 1 
ATOM   17 C  CE1 . PHE A 1 2 ? 1.767  -4.555 1.063  1.00 11.08 ? 2   PHE A CE1 1 
ATOM   18 C  CE2 . PHE A 1 2 ? 2.530  -2.816 2.508  1.00 11.19 ? 2   PHE A CE2 1 
ATOM   19 C  CZ  . PHE A 1 2 ? 1.651  -3.835 2.236  1.00 11.58 ? 2   PHE A CZ  1 
ATOM   20 N  N   . LYS A 1 3 ? 2.248  -1.034 -1.709 1.00 7.64  ? 3   LYS A N   1 
ATOM   21 C  CA  . LYS A 1 3 ? 1.379  0.073  -1.252 1.00 7.77  ? 3   LYS A CA  1 
ATOM   22 C  C   . LYS A 1 3 ? 0.275  -0.463 -0.377 1.00 7.53  ? 3   LYS A C   1 
ATOM   23 O  O   . LYS A 1 3 ? -0.300 -1.483 -0.689 1.00 7.98  ? 3   LYS A O   1 
ATOM   24 C  CB  . LYS A 1 3 ? 0.773  0.876  -2.441 1.00 9.15  ? 3   LYS A CB  1 
ATOM   25 C  CG  . LYS A 1 3 ? 1.838  1.449  -3.370 1.00 10.32 ? 3   LYS A CG  1 
ATOM   26 C  CD  . LYS A 1 3 ? 1.359  2.503  -4.375 1.00 12.56 ? 3   LYS A CD  1 
ATOM   27 C  CE  . LYS A 1 3 ? 0.437  1.902  -5.384 1.00 13.93 ? 3   LYS A CE  1 
ATOM   28 N  NZ  . LYS A 1 3 ? -0.053 2.917  -6.375 1.00 15.23 ? 3   LYS A NZ  1 
ATOM   29 N  N   . PHE A 1 4 ? -0.016 0.248  0.703  1.00 7.62  ? 4   PHE A N   1 
ATOM   30 C  CA  . PHE A 1 4 ? -1.119 -0.102 1.607  1.00 7.60  ? 4   PHE A CA  1 
ATOM   31 C  C   . PHE A 1 4 ? -1.945 1.160  1.808  1.00 7.56  ? 4   PHE A C   1 
ATOM   32 O  O   . PHE A 1 4 ? -1.380 2.239  2.089  1.00 7.60  ? 4   PHE A O   1 
ATOM   33 C  CB  . PHE A 1 4 ? -0.524 -0.572 2.926  1.00 8.63  ? 4   PHE A CB  1 
ATOM   34 C  CG  . PHE A 1 4 ? -1.528 -0.927 3.990  1.00 9.52  ? 4   PHE A CG  1 
ATOM   35 C  CD1 . PHE A 1 4 ? -2.208 0.060  4.703  1.00 9.96  ? 4   PHE A CD1 1 
ATOM   36 C  CD2 . PHE A 1 4 ? -1.749 -2.267 4.331  1.00 12.17 ? 4   PHE A CD2 1 
ATOM   37 C  CE1 . PHE A 1 4 ? -3.120 -0.279 5.680  1.00 11.16 ? 4   PHE A CE1 1 
ATOM   38 C  CE2 . PHE A 1 4 ? -2.670 -2.614 5.304  1.00 12.42 ? 4   PHE A CE2 1 
ATOM   39 C  CZ  . PHE A 1 4 ? -3.366 -1.613 5.971  1.00 12.18 ? 4   PHE A CZ  1 
ATOM   40 N  N   . PHE A 1 5 ? -3.257 1.038  1.650  1.00 6.68  ? 5   PHE A N   1 
ATOM   41 C  CA  . PHE A 1 5 ? -4.163 2.153  1.940  1.00 7.36  ? 5   PHE A CA  1 
ATOM   42 C  C   . PHE A 1 5 ? -5.422 1.713  2.673  1.00 7.54  ? 5   PHE A C   1 
ATOM   43 O  O   . PHE A 1 5 ? -6.049 0.755  2.272  1.00 7.90  ? 5   PHE A O   1 
ATOM   44 C  CB  . PHE A 1 5 ? -4.568 2.853  0.644  1.00 7.91  ? 5   PHE A CB  1 
ATOM   45 C  CG  . PHE A 1 5 ? -5.608 3.907  0.844  1.00 8.65  ? 5   PHE A CG  1 
ATOM   46 C  CD1 . PHE A 1 5 ? -5.314 5.061  1.575  1.00 9.61  ? 5   PHE A CD1 1 
ATOM   47 C  CD2 . PHE A 1 5 ? -6.913 3.733  0.394  1.00 10.37 ? 5   PHE A CD2 1 
ATOM   48 C  CE1 . PHE A 1 5 ? -6.310 6.012  1.835  1.00 10.00 ? 5   PHE A CE1 1 
ATOM   49 C  CE2 . PHE A 1 5 ? -7.901 4.695  0.646  1.00 10.44 ? 5   PHE A CE2 1 
ATOM   50 C  CZ  . PHE A 1 5 ? -7.596 5.821  1.362  1.00 10.22 ? 5   PHE A CZ  1 
ATOM   51 N  N   . LYS A 1 6 ? -5.800 2.449  3.716  1.00 8.55  ? 6   LYS A N   1 
ATOM   52 C  CA  . LYS A 1 6 ? -7.099 2.296  4.331  1.00 9.78  ? 6   LYS A CA  1 
ATOM   53 C  C   . LYS A 1 6 ? -7.667 3.672  4.693  1.00 11.02 ? 6   LYS A C   1 
ATOM   54 O  O   . LYS A 1 6 ? -6.892 4.541  5.151  1.00 12.50 ? 6   LYS A O   1 
ATOM   55 C  CB  . LYS A 1 6 ? -6.975 1.402  5.543  1.00 12.80 ? 6   LYS A CB  1 
ATOM   56 C  CG  . LYS A 1 6 ? -8.282 1.190  6.236  1.00 15.86 ? 6   LYS A CG  1 
ATOM   57 C  CD  . LYS A 1 6 ? -8.088 0.619  7.622  1.00 16.35 ? 6   LYS A CD  1 
ATOM   58 C  CE  . LYS A 1 6 ? -9.436 0.465  8.282  1.00 17.83 ? 6   LYS A CE  1 
ATOM   59 N  NZ  . LYS A 1 6 ? -9.355 -0.122 9.634  1.00 18.42 ? 6   LYS A NZ  1 
ATOM   60 O  OXT . LYS A 1 6 ? -8.886 3.952  4.517  1.00 12.53 ? 6   LYS A OXT 1 
HETATM 61 C  C   . CO3 B 2 . ? -9.010 7.720  4.799  1.00 26.29 ? 101 CO3 A C   1 
HETATM 62 O  O1  . CO3 B 2 . ? -9.350 8.922  4.844  1.00 24.81 ? 101 CO3 A O1  1 
HETATM 63 O  O2  . CO3 B 2 . ? -7.806 7.380  4.991  1.00 24.36 ? 101 CO3 A O2  1 
HETATM 64 O  O3  . CO3 B 2 . ? -9.894 6.873  4.548  1.00 24.92 ? 101 CO3 A O3  1 
HETATM 65 S  S   . SCN C 3 . ? -4.193 8.974  2.696  1.00 19.47 ? 102 SCN A S   1 
HETATM 66 C  C   . SCN C 3 . ? -4.376 8.461  4.109  1.00 17.76 ? 102 SCN A C   1 
HETATM 67 N  N   . SCN C 3 . ? -4.515 8.067  5.204  1.00 17.70 ? 102 SCN A N   1 
HETATM 68 O  O1  . PG4 D 4 . ? -1.353 9.666  -2.199 1.00 27.27 ? 103 PG4 A O1  1 
HETATM 69 C  C1  . PG4 D 4 . ? -2.659 9.529  -1.664 1.00 19.41 ? 103 PG4 A C1  1 
HETATM 70 C  C2  . PG4 D 4 . ? -2.791 8.162  -1.039 1.00 21.30 ? 103 PG4 A C2  1 
HETATM 71 O  O2  . PG4 D 4 . ? -4.114 7.622  -0.962 1.00 23.98 ? 103 PG4 A O2  1 
HETATM 72 C  C3  . PG4 D 4 . ? -4.760 7.459  -2.192 1.00 17.40 ? 103 PG4 A C3  1 
HETATM 73 C  C4  . PG4 D 4 . ? -5.648 6.270  -2.234 1.00 20.32 ? 103 PG4 A C4  1 
HETATM 74 O  O3  . PG4 D 4 . ? -5.087 5.306  -3.148 1.00 27.79 ? 103 PG4 A O3  1 
HETATM 75 C  C5  . PG4 D 4 . ? -4.131 4.448  -2.528 1.00 23.97 ? 103 PG4 A C5  1 
HETATM 76 C  C6  . PG4 D 4 . ? -3.469 3.406  -3.435 1.00 23.67 ? 103 PG4 A C6  1 
HETATM 77 O  O4  . PG4 D 4 . ? -2.907 3.944  -4.650 1.00 28.05 ? 103 PG4 A O4  1 
HETATM 78 C  C7  . PG4 D 4 . ? -1.732 4.683  -4.319 1.00 22.83 ? 103 PG4 A C7  1 
HETATM 79 C  C8  . PG4 D 4 . ? -1.512 5.996  -5.018 1.00 24.08 ? 103 PG4 A C8  1 
HETATM 80 O  O5  . PG4 D 4 . ? -0.158 5.907  -5.517 1.00 28.09 ? 103 PG4 A O5  1 
HETATM 81 CL CL  . CL  E 5 . ? -5.270 7.314  -6.114 1.00 46.51 ? 104 CL  A CL  1 
HETATM 82 O  O   . HOH F 6 . ? 1.761  6.380  -5.113 1.00 38.68 ? 201 HOH A O   1 
HETATM 83 O  O   . HOH F 6 . ? -9.820 4.473  7.583  1.00 67.74 ? 202 HOH A O   1 
HETATM 84 O  O   . HOH F 6 . ? -9.366 7.029  8.661  1.00 50.38 ? 203 HOH A O   1 
HETATM 85 O  O   . HOH F 6 . ? -3.813 6.263  -8.133 1.00 61.77 ? 204 HOH A O   1 
HETATM 86 O  O   . HOH F 6 . ? -6.783 7.413  9.592  1.00 31.01 ? 205 HOH A O   1 
# 
loop_
_atom_site_anisotrop.id 
_atom_site_anisotrop.type_symbol 
_atom_site_anisotrop.pdbx_label_atom_id 
_atom_site_anisotrop.pdbx_label_alt_id 
_atom_site_anisotrop.pdbx_label_comp_id 
_atom_site_anisotrop.pdbx_label_asym_id 
_atom_site_anisotrop.pdbx_label_seq_id 
_atom_site_anisotrop.pdbx_PDB_ins_code 
_atom_site_anisotrop.U[1][1] 
_atom_site_anisotrop.U[2][2] 
_atom_site_anisotrop.U[3][3] 
_atom_site_anisotrop.U[1][2] 
_atom_site_anisotrop.U[1][3] 
_atom_site_anisotrop.U[2][3] 
_atom_site_anisotrop.pdbx_auth_seq_id 
_atom_site_anisotrop.pdbx_auth_comp_id 
_atom_site_anisotrop.pdbx_auth_asym_id 
_atom_site_anisotrop.pdbx_auth_atom_id 
1  N  N   . LEU A 1 ? 0.1066 0.0841 0.1429 -0.0054 0.0069  -0.0167 1   LEU A N   
2  C  CA  . LEU A 1 ? 0.1096 0.0897 0.1200 -0.0057 0.0121  -0.0206 1   LEU A CA  
3  C  C   . LEU A 1 ? 0.1204 0.0817 0.1030 0.0041  0.0100  -0.0110 1   LEU A C   
4  O  O   . LEU A 1 ? 0.1147 0.0944 0.1130 -0.0096 0.0246  -0.0078 1   LEU A O   
5  C  CB  . LEU A 1 ? 0.1376 0.1195 0.1207 0.0034  0.0099  -0.0130 1   LEU A CB  
6  C  CG  . LEU A 1 ? 0.1430 0.1131 0.1160 0.0130  -0.0066 0.0008  1   LEU A CG  
7  C  CD1 . LEU A 1 ? 0.1357 0.1357 0.1120 -0.0006 -0.0068 0.0039  1   LEU A CD1 
8  C  CD2 . LEU A 1 ? 0.1564 0.1220 0.1245 0.0055  -0.0194 -0.0050 1   LEU A CD2 
9  N  N   . PHE A 2 ? 0.1063 0.0856 0.0885 0.0000  -0.0022 -0.0066 2   PHE A N   
10 C  CA  . PHE A 2 ? 0.1043 0.0911 0.0947 -0.0058 -0.0004 -0.0051 2   PHE A CA  
11 C  C   . PHE A 2 ? 0.0968 0.0957 0.0975 -0.0040 0.0054  -0.0030 2   PHE A C   
12 O  O   . PHE A 2 ? 0.0865 0.0877 0.1427 0.0041  0.0250  -0.0260 2   PHE A O   
13 C  CB  . PHE A 2 ? 0.1167 0.1027 0.1145 -0.0006 -0.0047 0.0080  2   PHE A CB  
14 C  CG  . PHE A 2 ? 0.1222 0.1163 0.1176 0.0039  0.0002  0.0121  2   PHE A CG  
15 C  CD1 . PHE A 2 ? 0.1298 0.1407 0.1251 -0.0090 0.0012  -0.0093 2   PHE A CD1 
16 C  CD2 . PHE A 2 ? 0.1524 0.1371 0.1338 0.0115  0.0126  0.0014  2   PHE A CD2 
17 C  CE1 . PHE A 2 ? 0.1452 0.1343 0.1414 -0.0020 0.0131  0.0010  2   PHE A CE1 
18 C  CE2 . PHE A 2 ? 0.1188 0.1643 0.1418 0.0152  0.0003  -0.0029 2   PHE A CE2 
19 C  CZ  . PHE A 2 ? 0.1432 0.1472 0.1493 0.0125  0.0147  -0.0046 2   PHE A CZ  
20 N  N   . LYS A 3 ? 0.1005 0.0986 0.0911 -0.0058 -0.0048 -0.0014 3   LYS A N   
21 C  CA  . LYS A 3 ? 0.0906 0.1047 0.0998 -0.0078 0.0016  -0.0043 3   LYS A CA  
22 C  C   . LYS A 3 ? 0.0946 0.0975 0.0939 -0.0035 0.0066  -0.0092 3   LYS A C   
23 O  O   . LYS A 3 ? 0.1002 0.0924 0.1106 0.0150  -0.0054 -0.0328 3   LYS A O   
24 C  CB  . LYS A 3 ? 0.1238 0.1179 0.1058 0.0029  -0.0070 -0.0044 3   LYS A CB  
25 C  CG  . LYS A 3 ? 0.1389 0.1370 0.1159 -0.0166 -0.0125 0.0087  3   LYS A CG  
26 C  CD  . LYS A 3 ? 0.1568 0.1619 0.1585 0.0133  -0.0131 0.0226  3   LYS A CD  
27 C  CE  . LYS A 3 ? 0.1672 0.2040 0.1579 0.0115  -0.0205 0.0229  3   LYS A CE  
28 N  NZ  . LYS A 3 ? 0.1958 0.2102 0.1726 0.0512  0.0060  0.0258  3   LYS A NZ  
29 N  N   . PHE A 4 ? 0.0976 0.0848 0.1070 -0.0075 0.0074  -0.0164 4   PHE A N   
30 C  CA  . PHE A 4 ? 0.0972 0.0846 0.1069 -0.0002 0.0080  -0.0152 4   PHE A CA  
31 C  C   . PHE A 4 ? 0.0931 0.0866 0.1073 -0.0022 0.0045  -0.0134 4   PHE A C   
32 O  O   . PHE A 4 ? 0.1050 0.0718 0.1117 0.0118  -0.0052 -0.0205 4   PHE A O   
33 C  CB  . PHE A 4 ? 0.1137 0.0920 0.1220 -0.0003 -0.0017 -0.0074 4   PHE A CB  
34 C  CG  . PHE A 4 ? 0.1045 0.1221 0.1351 0.0044  0.0040  -0.0111 4   PHE A CG  
35 C  CD1 . PHE A 4 ? 0.1190 0.1441 0.1154 0.0042  0.0158  -0.0150 4   PHE A CD1 
36 C  CD2 . PHE A 4 ? 0.1618 0.1345 0.1661 -0.0028 0.0298  -0.0043 4   PHE A CD2 
37 C  CE1 . PHE A 4 ? 0.1397 0.1736 0.1106 0.0008  0.0193  -0.0091 4   PHE A CE1 
38 C  CE2 . PHE A 4 ? 0.1926 0.1422 0.1368 -0.0200 0.0265  -0.0089 4   PHE A CE2 
39 C  CZ  . PHE A 4 ? 0.1480 0.1766 0.1382 0.0022  0.0279  0.0013  4   PHE A CZ  
40 N  N   . PHE A 5 ? 0.0900 0.0815 0.0822 -0.0066 0.0100  -0.0071 5   PHE A N   
41 C  CA  . PHE A 5 ? 0.0935 0.0828 0.1031 -0.0025 0.0005  -0.0074 5   PHE A CA  
42 C  C   . PHE A 5 ? 0.0864 0.0908 0.1091 -0.0011 0.0013  -0.0177 5   PHE A C   
43 O  O   . PHE A 5 ? 0.0941 0.0824 0.1235 0.0028  -0.0006 -0.0238 5   PHE A O   
44 C  CB  . PHE A 5 ? 0.1084 0.0992 0.0929 -0.0006 0.0007  -0.0067 5   PHE A CB  
45 C  CG  . PHE A 5 ? 0.1271 0.0994 0.1019 0.0089  -0.0087 -0.0066 5   PHE A CG  
46 C  CD1 . PHE A 5 ? 0.1418 0.1016 0.1215 0.0050  -0.0309 -0.0046 5   PHE A CD1 
47 C  CD2 . PHE A 5 ? 0.1299 0.1219 0.1420 0.0087  -0.0168 -0.0088 5   PHE A CD2 
48 C  CE1 . PHE A 5 ? 0.1473 0.1143 0.1182 0.0136  -0.0228 -0.0154 5   PHE A CE1 
49 C  CE2 . PHE A 5 ? 0.1352 0.1075 0.1537 0.0011  -0.0141 -0.0026 5   PHE A CE2 
50 C  CZ  . PHE A 5 ? 0.1313 0.1111 0.1458 0.0256  -0.0054 -0.0172 5   PHE A CZ  
51 N  N   . LYS A 6 ? 0.1107 0.0937 0.1203 0.0054  -0.0061 -0.0284 6   LYS A N   
52 C  CA  . LYS A 6 ? 0.1140 0.1205 0.1369 0.0093  -0.0009 -0.0220 6   LYS A CA  
53 C  C   . LYS A 6 ? 0.1306 0.1225 0.1652 0.0091  0.0007  -0.0321 6   LYS A C   
54 O  O   . LYS A 6 ? 0.1161 0.1637 0.1951 0.0057  -0.0054 -0.0476 6   LYS A O   
55 C  CB  . LYS A 6 ? 0.1824 0.1301 0.1737 0.0019  0.0033  0.0066  6   LYS A CB  
56 C  CG  . LYS A 6 ? 0.1966 0.1878 0.2182 -0.0070 0.0085  0.0115  6   LYS A CG  
57 C  CD  . LYS A 6 ? 0.2299 0.1683 0.2230 0.0032  -0.0076 0.0177  6   LYS A CD  
58 C  CE  . LYS A 6 ? 0.2281 0.1923 0.2568 -0.0046 -0.0056 0.0305  6   LYS A CE  
59 N  NZ  . LYS A 6 ? 0.2598 0.2143 0.2255 -0.0160 -0.0128 0.0049  6   LYS A NZ  
60 O  OXT . LYS A 6 ? 0.1265 0.1488 0.2006 0.0046  0.0026  -0.0284 6   LYS A OXT 
61 C  C   . CO3 B . ? 0.2893 0.3110 0.3985 -0.0365 -0.0333 0.0185  101 CO3 A C   
62 O  O1  . CO3 B . ? 0.2576 0.2965 0.3883 -0.0589 -0.0681 0.0005  101 CO3 A O1  
63 O  O2  . CO3 B . ? 0.3014 0.2743 0.3495 -0.0418 -0.1198 0.0092  101 CO3 A O2  
64 O  O3  . CO3 B . ? 0.2649 0.3671 0.3148 -0.0486 -0.0307 0.0001  101 CO3 A O3  
65 S  S   . SCN C . ? 0.2709 0.1777 0.2912 0.0096  -0.1224 0.0039  102 SCN A S   
66 C  C   . SCN C . ? 0.1742 0.1998 0.3007 0.0160  0.0087  -0.0124 102 SCN A C   
67 N  N   . SCN C . ? 0.1756 0.1574 0.3394 -0.0137 0.0340  0.0305  102 SCN A N   
68 O  O1  . PG4 D . ? 0.2536 0.4044 0.3778 0.0469  -0.0653 0.0426  103 PG4 A O1  
69 C  C1  . PG4 D . ? 0.2226 0.2507 0.2638 0.0726  -0.0549 0.0293  103 PG4 A C1  
70 C  C2  . PG4 D . ? 0.2351 0.2703 0.3039 0.0711  -0.0394 0.0393  103 PG4 A C2  
71 O  O2  . PG4 D . ? 0.2791 0.3165 0.3153 0.0240  0.0100  0.0445  103 PG4 A O2  
72 C  C3  . PG4 D . ? 0.2457 0.1871 0.2282 0.0428  0.0559  0.0474  103 PG4 A C3  
73 C  C4  . PG4 D . ? 0.2135 0.2850 0.2733 -0.0004 0.0419  0.0550  103 PG4 A C4  
74 O  O3  . PG4 D . ? 0.3709 0.3079 0.3769 0.0255  0.0430  0.0108  103 PG4 A O3  
75 C  C5  . PG4 D . ? 0.3069 0.2909 0.3127 -0.0625 0.0193  0.0541  103 PG4 A C5  
76 C  C6  . PG4 D . ? 0.3178 0.2379 0.3436 -0.0889 0.0372  0.0340  103 PG4 A C6  
77 O  O4  . PG4 D . ? 0.3677 0.4072 0.2907 -0.0617 0.0031  0.0515  103 PG4 A O4  
78 C  C7  . PG4 D . ? 0.2402 0.3813 0.2457 0.0026  0.0541  0.0384  103 PG4 A C7  
79 C  C8  . PG4 D . ? 0.2886 0.3537 0.2725 0.0061  0.0508  0.0309  103 PG4 A C8  
80 O  O5  . PG4 D . ? 0.2002 0.3413 0.5258 -0.0446 -0.0028 0.0642  103 PG4 A O5  
81 CL CL  . CL  E . ? 0.5337 0.4281 0.8053 0.1267  -0.2050 -0.1179 104 CL  A CL  
82 O  O   . HOH F . ? 0.4382 0.6061 0.4253 0.0698  0.2100  0.0848  201 HOH A O   
83 O  O   . HOH F . ? 1.8312 0.5489 0.1935 0.8215  0.1660  0.0919  202 HOH A O   
84 O  O   . HOH F . ? 0.5514 0.7429 0.6197 -0.2265 -0.2721 0.1837  203 HOH A O   
85 O  O   . HOH F . ? 0.3595 0.4775 1.5099 0.0106  0.2656  0.1794  204 HOH A O   
86 O  O   . HOH F . ? 0.3288 0.2779 0.5714 -0.0402 -0.1054 0.0579  205 HOH A O   
# 
